data_8BYJ
#
_entry.id   8BYJ
#
_cell.length_a   78.784
_cell.length_b   75.958
_cell.length_c   114.905
_cell.angle_alpha   90.00
_cell.angle_beta   102.15
_cell.angle_gamma   90.00
#
_symmetry.space_group_name_H-M   'P 1 21 1'
#
loop_
_entity.id
_entity.type
_entity.pdbx_description
1 polymer 'Processed angiotensin-converting enzyme 2'
2 polymer ALA-CYS-VAL-ARG-SER-HIS-CYS-SER-SER-LEU-LEU-PRO-ARG-ILE-HIS-CYS-ALA
3 non-polymer 'ZINC ION'
4 non-polymer 'SODIUM ION'
5 non-polymer 1-[3,5-bis(3-bromanylpropanoyl)-1,3,5-triazinan-1-yl]-3-bromanyl-propan-1-one
6 water water
#
loop_
_entity_poly.entity_id
_entity_poly.type
_entity_poly.pdbx_seq_one_letter_code
_entity_poly.pdbx_strand_id
1 'polypeptide(L)'
;GSTIEEQAKTFLDKFNHEAEDLFYQSSLASWNYNTNITEENVQNMNNAGDKWSAFLKEQSTLAQMYPLQEIQNLTVKLQL
QALQQNGSSVLSEDKSKRLNTILNTMSTIYSTGKVCNPDNPQECLLLEPGLNEIMANSLDYNERLWAWESWRSEVGKQLR
PLYEEYVVLKNEMARANHYEDYGDYWRGDYEVNGVDGYDYSRGQLIEDVEHTFEEIKPLYEHLHAYVRAKLMNAYPSYIS
PIGCLPAHLLGDMWGRFWTNLYSLTVPFGQKPNIDVTDAMVDQAWDAQRIFKEAEKFFVSVGLPNMTQGFWENSMLTDPG
NVQKAVCHPTAWDLGKGDFRILMCTKVTMDDFLTAHHEMGHIQYDMAYAAQPFLLRNGANEGFHEAVGEIMSLSAATPKH
LKSIGLLSPDFQEDNETEINFLLKQALTIVGTLPFTYMLEKWRWMVFKGEIPKDQWMKKWWEMKREIVGVVEPVPHDETY
CDPASLFHVSNDYSFIRYYTRTLYQFQFQEALCQAAKHEGPLHKCDISNSTEAGQKLFNMLRLGKSEPWTLALENVVGAK
NMNVRPLLNYFEPLFTWLKDQNKNSFVGWSTDWSPYADSSPHHHHHHHH
;
A,B
2 'polypeptide(L)' ACVRSHCSSLLPRIHCA(NH2) C,D
#
loop_
_chem_comp.id
_chem_comp.type
_chem_comp.name
_chem_comp.formula
LFI non-polymer 1-[3,5-bis(3-bromanylpropanoyl)-1,3,5-triazinan-1-yl]-3-bromanyl-propan-1-one 'C12 H18 Br3 N3 O3'
NA non-polymer 'SODIUM ION' 'Na 1'
NH2 non-polymer 'AMINO GROUP' 'H2 N'
ZN non-polymer 'ZINC ION' 'Zn 2'
#
# COMPACT_ATOMS: atom_id res chain seq x y z
N SER A 2 -35.20 -0.41 -18.97
CA SER A 2 -35.23 -1.77 -18.36
C SER A 2 -33.96 -1.98 -17.54
N THR A 3 -32.92 -2.59 -18.15
CA THR A 3 -31.77 -3.12 -17.43
C THR A 3 -30.91 -1.96 -16.89
N ILE A 4 -29.89 -2.31 -16.11
CA ILE A 4 -29.03 -1.32 -15.49
C ILE A 4 -27.89 -0.98 -16.46
N GLU A 5 -27.58 -1.92 -17.36
CA GLU A 5 -26.53 -1.69 -18.34
C GLU A 5 -27.09 -0.88 -19.52
N GLU A 6 -28.42 -0.86 -19.66
CA GLU A 6 -29.10 0.06 -20.56
C GLU A 6 -28.95 1.50 -20.05
N GLN A 7 -29.31 1.72 -18.78
CA GLN A 7 -29.27 3.04 -18.16
C GLN A 7 -27.85 3.60 -18.17
N ALA A 8 -26.85 2.71 -18.13
CA ALA A 8 -25.44 3.10 -18.11
C ALA A 8 -25.03 3.70 -19.46
N LYS A 9 -25.51 3.08 -20.57
CA LYS A 9 -25.21 3.52 -21.93
C LYS A 9 -25.95 4.81 -22.20
N THR A 10 -27.21 4.88 -21.80
CA THR A 10 -27.92 6.15 -21.80
C THR A 10 -27.07 7.23 -21.12
N PHE A 11 -26.55 6.90 -19.93
CA PHE A 11 -25.79 7.84 -19.10
C PHE A 11 -24.52 8.31 -19.79
N LEU A 12 -23.79 7.36 -20.39
CA LEU A 12 -22.56 7.66 -21.09
C LEU A 12 -22.77 8.48 -22.37
N ASP A 13 -23.72 8.05 -23.22
CA ASP A 13 -23.98 8.68 -24.49
C ASP A 13 -24.26 10.16 -24.25
N LYS A 14 -24.93 10.46 -23.13
CA LYS A 14 -25.25 11.87 -22.77
C LYS A 14 -24.01 12.57 -22.23
N PHE A 15 -23.25 11.92 -21.36
CA PHE A 15 -21.99 12.50 -20.85
C PHE A 15 -21.05 12.80 -22.02
N ASN A 16 -20.87 11.84 -22.92
CA ASN A 16 -19.89 12.01 -24.04
C ASN A 16 -20.27 13.21 -24.90
N HIS A 17 -21.58 13.43 -25.12
CA HIS A 17 -22.01 14.53 -26.01
C HIS A 17 -21.55 15.87 -25.43
N GLU A 18 -21.87 16.11 -24.17
CA GLU A 18 -21.54 17.41 -23.55
C GLU A 18 -20.04 17.50 -23.32
N ALA A 19 -19.41 16.39 -22.93
CA ALA A 19 -17.97 16.40 -22.63
C ALA A 19 -17.17 16.73 -23.89
N GLU A 20 -17.60 16.20 -25.03
CA GLU A 20 -16.89 16.44 -26.31
C GLU A 20 -16.94 17.94 -26.59
N ASP A 21 -18.06 18.58 -26.24
CA ASP A 21 -18.22 20.03 -26.47
C ASP A 21 -17.49 20.82 -25.40
N LEU A 22 -17.73 20.51 -24.13
CA LEU A 22 -17.12 21.27 -23.00
C LEU A 22 -15.60 21.13 -23.02
N PHE A 23 -15.08 19.95 -23.34
CA PHE A 23 -13.62 19.73 -23.42
C PHE A 23 -13.02 20.65 -24.48
N TYR A 24 -13.72 20.81 -25.60
CA TYR A 24 -13.17 21.61 -26.71
C TYR A 24 -13.23 23.10 -26.37
N GLN A 25 -14.27 23.51 -25.66
CA GLN A 25 -14.45 24.95 -25.47
C GLN A 25 -13.36 25.40 -24.52
N SER A 26 -12.88 24.44 -23.73
CA SER A 26 -11.87 24.59 -22.71
C SER A 26 -10.45 24.55 -23.29
N SER A 27 -10.17 23.55 -24.12
CA SER A 27 -8.86 23.43 -24.75
C SER A 27 -8.66 24.57 -25.75
N LEU A 28 -9.76 25.08 -26.32
CA LEU A 28 -9.66 26.15 -27.29
C LEU A 28 -9.31 27.46 -26.58
N ALA A 29 -9.99 27.74 -25.45
CA ALA A 29 -9.64 28.88 -24.61
C ALA A 29 -8.19 28.77 -24.12
N SER A 30 -7.78 27.61 -23.62
CA SER A 30 -6.41 27.40 -23.14
C SER A 30 -5.39 27.70 -24.24
N TRP A 31 -5.71 27.29 -25.47
CA TRP A 31 -4.82 27.53 -26.59
C TRP A 31 -4.71 29.03 -26.82
N ASN A 32 -5.84 29.74 -26.74
CA ASN A 32 -5.89 31.16 -27.05
C ASN A 32 -4.94 31.88 -26.09
N TYR A 33 -5.16 31.69 -24.79
CA TYR A 33 -4.30 32.20 -23.74
C TYR A 33 -2.82 31.90 -24.02
N ASN A 34 -2.48 30.64 -24.25
CA ASN A 34 -1.09 30.25 -24.38
C ASN A 34 -0.47 30.90 -25.62
N THR A 35 -1.27 31.18 -26.66
CA THR A 35 -0.77 31.80 -27.90
C THR A 35 -0.73 33.32 -27.79
N ASN A 36 -1.51 33.87 -26.84
CA ASN A 36 -1.83 35.28 -26.75
C ASN A 36 -2.29 35.60 -25.32
N ILE A 37 -1.31 35.91 -24.44
CA ILE A 37 -1.53 36.02 -23.00
C ILE A 37 -2.16 37.37 -22.67
N THR A 38 -3.49 37.39 -22.50
CA THR A 38 -4.21 38.60 -22.14
C THR A 38 -5.06 38.29 -20.91
N GLU A 39 -5.68 39.33 -20.33
CA GLU A 39 -6.58 39.17 -19.20
C GLU A 39 -7.88 38.50 -19.67
N GLU A 40 -8.31 38.76 -20.91
CA GLU A 40 -9.60 38.26 -21.36
C GLU A 40 -9.49 36.77 -21.67
N ASN A 41 -8.32 36.33 -22.16
CA ASN A 41 -8.03 34.94 -22.51
C ASN A 41 -7.83 34.08 -21.26
N VAL A 42 -7.16 34.66 -20.24
CA VAL A 42 -7.07 34.09 -18.90
C VAL A 42 -8.48 33.84 -18.35
N GLN A 43 -9.41 34.77 -18.64
CA GLN A 43 -10.76 34.78 -18.11
C GLN A 43 -11.60 33.68 -18.75
N ASN A 44 -11.52 33.60 -20.09
CA ASN A 44 -12.19 32.57 -20.87
C ASN A 44 -11.71 31.19 -20.47
N MET A 45 -10.40 31.06 -20.21
CA MET A 45 -9.76 29.80 -19.88
C MET A 45 -10.14 29.36 -18.47
N ASN A 46 -10.18 30.32 -17.54
CA ASN A 46 -10.66 30.07 -16.19
C ASN A 46 -12.13 29.67 -16.26
N ASN A 47 -12.97 30.48 -16.91
CA ASN A 47 -14.40 30.22 -17.02
C ASN A 47 -14.65 28.82 -17.60
N ALA A 48 -13.98 28.53 -18.73
CA ALA A 48 -14.13 27.28 -19.45
C ALA A 48 -13.49 26.12 -18.69
N GLY A 49 -12.40 26.36 -17.96
CA GLY A 49 -11.85 25.38 -17.03
C GLY A 49 -12.85 24.94 -15.95
N ASP A 50 -13.54 25.90 -15.34
CA ASP A 50 -14.47 25.69 -14.22
C ASP A 50 -15.76 24.98 -14.66
N LYS A 51 -16.19 25.20 -15.89
CA LYS A 51 -17.39 24.50 -16.41
C LYS A 51 -17.08 23.01 -16.54
N TRP A 52 -15.98 22.67 -17.21
CA TRP A 52 -15.58 21.26 -17.41
C TRP A 52 -15.40 20.59 -16.05
N SER A 53 -14.68 21.25 -15.15
CA SER A 53 -14.48 20.71 -13.79
C SER A 53 -15.84 20.50 -13.12
N ALA A 54 -16.73 21.49 -13.19
CA ALA A 54 -18.06 21.35 -12.62
C ALA A 54 -18.75 20.12 -13.20
N PHE A 55 -18.79 20.06 -14.54
CA PHE A 55 -19.46 18.97 -15.24
C PHE A 55 -18.90 17.62 -14.80
N LEU A 56 -17.58 17.52 -14.80
CA LEU A 56 -16.89 16.25 -14.61
C LEU A 56 -16.99 15.79 -13.15
N LYS A 57 -17.18 16.73 -12.22
CA LYS A 57 -17.45 16.41 -10.83
C LYS A 57 -18.85 15.80 -10.71
N GLU A 58 -19.87 16.55 -11.14
CA GLU A 58 -21.25 16.11 -11.10
C GLU A 58 -21.38 14.72 -11.72
N GLN A 59 -20.79 14.55 -12.91
CA GLN A 59 -20.98 13.34 -13.70
C GLN A 59 -20.38 12.15 -13.00
N SER A 60 -19.16 12.37 -12.48
CA SER A 60 -18.43 11.34 -11.76
C SER A 60 -19.27 10.77 -10.61
N THR A 61 -19.90 11.65 -9.82
CA THR A 61 -20.81 11.25 -8.73
C THR A 61 -21.97 10.43 -9.27
N LEU A 62 -22.63 10.91 -10.32
CA LEU A 62 -23.79 10.21 -10.84
C LEU A 62 -23.39 8.88 -11.48
N ALA A 63 -22.09 8.69 -11.73
CA ALA A 63 -21.57 7.46 -12.32
C ALA A 63 -21.55 6.30 -11.34
N GLN A 64 -21.61 6.60 -10.04
CA GLN A 64 -21.49 5.61 -8.99
C GLN A 64 -22.76 4.75 -8.92
N MET A 65 -23.87 5.35 -9.35
CA MET A 65 -25.16 4.69 -9.48
C MET A 65 -25.06 3.43 -10.37
N TYR A 66 -23.97 3.29 -11.13
CA TYR A 66 -23.82 2.21 -12.10
C TYR A 66 -22.59 1.39 -11.72
N PRO A 67 -22.69 0.46 -10.74
CA PRO A 67 -21.53 -0.30 -10.25
C PRO A 67 -21.00 -1.33 -11.24
N LEU A 68 -19.68 -1.36 -11.43
CA LEU A 68 -19.06 -2.08 -12.52
C LEU A 68 -19.44 -3.55 -12.55
N GLN A 69 -19.66 -4.17 -11.37
CA GLN A 69 -19.96 -5.59 -11.25
C GLN A 69 -21.13 -5.96 -12.17
N GLU A 70 -22.14 -5.07 -12.25
CA GLU A 70 -23.35 -5.35 -13.01
C GLU A 70 -23.20 -5.05 -14.51
N ILE A 71 -22.03 -4.59 -14.95
CA ILE A 71 -21.83 -4.13 -16.32
C ILE A 71 -21.02 -5.19 -17.08
N GLN A 72 -21.62 -5.72 -18.15
CA GLN A 72 -21.08 -6.84 -18.90
C GLN A 72 -20.24 -6.36 -20.08
N ASN A 73 -20.59 -5.18 -20.65
CA ASN A 73 -19.86 -4.59 -21.78
C ASN A 73 -18.58 -3.92 -21.28
N LEU A 74 -17.43 -4.26 -21.89
CA LEU A 74 -16.14 -3.87 -21.30
C LEU A 74 -15.77 -2.43 -21.67
N THR A 75 -16.07 -2.03 -22.90
CA THR A 75 -15.90 -0.65 -23.33
C THR A 75 -16.66 0.26 -22.36
N VAL A 76 -17.93 -0.08 -22.13
CA VAL A 76 -18.79 0.72 -21.28
C VAL A 76 -18.25 0.69 -19.84
N LYS A 77 -17.79 -0.48 -19.39
CA LYS A 77 -17.21 -0.62 -18.05
C LYS A 77 -16.01 0.30 -17.92
N LEU A 78 -15.02 0.14 -18.82
CA LEU A 78 -13.78 0.91 -18.79
C LEU A 78 -14.07 2.40 -18.73
N GLN A 79 -15.13 2.83 -19.43
CA GLN A 79 -15.49 4.24 -19.46
C GLN A 79 -16.07 4.61 -18.10
N LEU A 80 -16.98 3.77 -17.58
CA LEU A 80 -17.65 4.08 -16.31
C LEU A 80 -16.63 4.12 -15.18
N GLN A 81 -15.59 3.28 -15.25
CA GLN A 81 -14.48 3.22 -14.30
C GLN A 81 -13.61 4.49 -14.32
N ALA A 82 -13.18 4.90 -15.53
CA ALA A 82 -12.50 6.16 -15.75
C ALA A 82 -13.22 7.28 -15.02
N LEU A 83 -14.54 7.29 -15.16
CA LEU A 83 -15.35 8.40 -14.69
C LEU A 83 -15.50 8.32 -13.17
N GLN A 84 -15.83 7.13 -12.66
CA GLN A 84 -16.04 6.86 -11.23
C GLN A 84 -14.78 7.20 -10.41
N GLN A 85 -13.65 6.62 -10.81
CA GLN A 85 -12.35 6.85 -10.18
C GLN A 85 -12.04 8.35 -10.15
N ASN A 86 -11.88 8.92 -11.35
CA ASN A 86 -11.44 10.29 -11.55
C ASN A 86 -12.58 11.25 -11.22
N GLY A 87 -12.38 12.54 -11.50
CA GLY A 87 -13.33 13.59 -11.12
C GLY A 87 -13.74 13.53 -9.65
N SER A 88 -12.91 12.94 -8.78
CA SER A 88 -13.27 12.71 -7.38
C SER A 88 -12.19 13.29 -6.47
N SER A 89 -12.58 14.26 -5.63
CA SER A 89 -11.75 14.72 -4.52
C SER A 89 -12.52 14.58 -3.21
N VAL A 90 -12.24 13.51 -2.46
CA VAL A 90 -12.92 13.17 -1.22
C VAL A 90 -12.41 14.07 -0.09
N LEU A 91 -11.31 14.80 -0.36
CA LEU A 91 -10.77 15.86 0.49
C LEU A 91 -11.83 16.97 0.67
N SER A 92 -12.08 17.38 1.92
CA SER A 92 -13.12 18.36 2.24
C SER A 92 -12.88 19.68 1.51
N GLU A 93 -13.95 20.45 1.27
CA GLU A 93 -13.83 21.62 0.43
C GLU A 93 -12.99 22.69 1.14
N ASP A 94 -12.99 22.67 2.47
CA ASP A 94 -12.12 23.62 3.20
C ASP A 94 -10.66 23.31 2.85
N LYS A 95 -10.26 22.05 3.00
CA LYS A 95 -8.84 21.68 2.79
C LYS A 95 -8.48 21.80 1.32
N SER A 96 -9.32 21.27 0.44
CA SER A 96 -9.09 21.38 -1.02
C SER A 96 -8.74 22.84 -1.32
N LYS A 97 -9.56 23.77 -0.87
CA LYS A 97 -9.31 25.20 -1.03
C LYS A 97 -7.86 25.52 -0.62
N ARG A 98 -7.46 25.09 0.58
CA ARG A 98 -6.13 25.36 1.09
C ARG A 98 -5.07 24.75 0.18
N LEU A 99 -5.29 23.49 -0.26
CA LEU A 99 -4.28 22.80 -1.06
C LEU A 99 -4.20 23.47 -2.42
N ASN A 100 -5.34 23.94 -2.93
CA ASN A 100 -5.34 24.61 -4.22
C ASN A 100 -4.49 25.88 -4.14
N THR A 101 -4.45 26.50 -2.96
CA THR A 101 -3.66 27.71 -2.72
C THR A 101 -2.17 27.38 -2.62
N ILE A 102 -1.84 26.33 -1.86
CA ILE A 102 -0.46 25.93 -1.66
C ILE A 102 0.17 25.67 -3.03
N LEU A 103 -0.57 24.99 -3.91
CA LEU A 103 -0.07 24.60 -5.23
C LEU A 103 0.25 25.86 -6.05
N ASN A 104 -0.66 26.84 -5.95
CA ASN A 104 -0.55 28.08 -6.69
C ASN A 104 0.65 28.86 -6.19
N THR A 105 0.77 28.94 -4.86
CA THR A 105 1.80 29.73 -4.22
C THR A 105 3.17 29.16 -4.57
N MET A 106 3.25 27.83 -4.48
CA MET A 106 4.46 27.09 -4.79
C MET A 106 4.83 27.27 -6.27
N SER A 107 3.82 27.25 -7.16
CA SER A 107 4.03 27.41 -8.59
C SER A 107 4.51 28.83 -8.89
N THR A 108 3.90 29.81 -8.22
CA THR A 108 4.24 31.21 -8.37
C THR A 108 5.68 31.44 -7.95
N ILE A 109 5.97 31.08 -6.70
CA ILE A 109 7.30 31.21 -6.16
C ILE A 109 8.34 30.61 -7.10
N TYR A 110 7.98 29.59 -7.88
CA TYR A 110 8.96 28.96 -8.74
C TYR A 110 9.27 29.89 -9.93
N SER A 111 8.21 30.39 -10.59
CA SER A 111 8.35 31.23 -11.77
C SER A 111 8.85 32.63 -11.41
N THR A 112 8.26 33.23 -10.36
CA THR A 112 8.51 34.59 -9.89
C THR A 112 9.88 34.77 -9.24
N GLY A 113 10.23 33.89 -8.29
CA GLY A 113 11.41 34.10 -7.46
C GLY A 113 12.66 34.39 -8.28
N LYS A 114 13.49 35.31 -7.76
CA LYS A 114 14.74 35.70 -8.40
C LYS A 114 15.81 35.95 -7.34
N VAL A 115 17.09 35.74 -7.69
CA VAL A 115 18.19 36.02 -6.78
C VAL A 115 18.87 37.33 -7.20
N CYS A 116 18.74 38.35 -6.35
CA CYS A 116 19.41 39.62 -6.55
C CYS A 116 20.83 39.51 -5.99
N ASN A 117 21.82 40.02 -6.73
CA ASN A 117 23.21 39.66 -6.51
C ASN A 117 23.70 40.26 -5.20
N PRO A 118 24.37 39.48 -4.32
CA PRO A 118 24.89 40.01 -3.07
C PRO A 118 25.54 41.36 -3.39
N ASP A 119 26.43 41.32 -4.40
CA ASP A 119 27.15 42.48 -4.88
C ASP A 119 26.13 43.50 -5.38
N ASN A 120 25.46 43.18 -6.49
CA ASN A 120 24.66 44.13 -7.24
C ASN A 120 23.65 44.82 -6.31
N PRO A 121 23.45 46.15 -6.47
CA PRO A 121 22.33 46.83 -5.83
C PRO A 121 21.00 46.12 -6.10
N GLN A 122 20.56 46.18 -7.37
CA GLN A 122 19.23 45.70 -7.75
C GLN A 122 19.24 45.16 -9.17
N GLU A 123 20.27 44.36 -9.50
CA GLU A 123 20.20 43.45 -10.63
C GLU A 123 19.71 42.10 -10.10
N CYS A 124 18.56 41.64 -10.62
CA CYS A 124 17.93 40.41 -10.18
C CYS A 124 17.77 39.43 -11.34
N LEU A 125 18.44 38.27 -11.21
CA LEU A 125 18.31 37.13 -12.11
C LEU A 125 17.12 36.29 -11.71
N LEU A 126 16.34 35.84 -12.70
CA LEU A 126 15.38 34.74 -12.49
C LEU A 126 16.09 33.40 -12.69
N LEU A 127 15.36 32.30 -12.43
CA LEU A 127 15.84 31.01 -12.88
C LEU A 127 15.91 30.96 -14.41
N GLU A 128 14.86 31.42 -15.10
CA GLU A 128 14.86 31.48 -16.55
C GLU A 128 14.68 32.92 -17.02
N PRO A 129 15.57 33.46 -17.87
CA PRO A 129 16.75 32.74 -18.38
C PRO A 129 17.99 32.92 -17.50
N GLY A 130 17.82 33.67 -16.40
CA GLY A 130 18.93 34.28 -15.67
C GLY A 130 19.93 33.26 -15.15
N LEU A 131 19.54 32.52 -14.10
CA LEU A 131 20.40 31.54 -13.46
C LEU A 131 20.72 30.34 -14.36
N ASN A 132 19.76 29.97 -15.21
CA ASN A 132 19.90 28.88 -16.17
C ASN A 132 20.97 29.14 -17.22
N GLU A 133 21.15 30.40 -17.62
CA GLU A 133 22.22 30.76 -18.54
C GLU A 133 23.57 30.49 -17.88
N ILE A 134 23.65 30.79 -16.57
CA ILE A 134 24.87 30.57 -15.79
C ILE A 134 25.10 29.06 -15.69
N MET A 135 24.07 28.34 -15.21
CA MET A 135 24.17 26.94 -14.86
C MET A 135 24.35 26.05 -16.10
N ALA A 136 24.17 26.58 -17.30
CA ALA A 136 24.51 25.84 -18.52
C ALA A 136 25.88 26.23 -19.06
N ASN A 137 26.17 27.56 -19.16
CA ASN A 137 27.28 28.11 -19.96
C ASN A 137 28.49 28.53 -19.14
N SER A 138 28.30 28.81 -17.83
CA SER A 138 29.38 29.28 -16.99
C SER A 138 30.40 28.16 -16.76
N LEU A 139 31.69 28.49 -16.88
CA LEU A 139 32.75 27.53 -16.58
C LEU A 139 33.56 27.98 -15.36
N ASP A 140 32.93 28.83 -14.51
CA ASP A 140 33.48 29.39 -13.29
C ASP A 140 32.83 28.73 -12.07
N TYR A 141 33.63 28.05 -11.25
CA TYR A 141 33.12 27.33 -10.06
C TYR A 141 32.23 28.20 -9.15
N ASN A 142 32.75 29.33 -8.68
CA ASN A 142 32.03 30.15 -7.66
C ASN A 142 30.80 30.86 -8.25
N GLU A 143 30.81 31.12 -9.55
CA GLU A 143 29.66 31.75 -10.19
C GLU A 143 28.53 30.73 -10.28
N ARG A 144 28.90 29.51 -10.65
CA ARG A 144 27.89 28.41 -10.69
C ARG A 144 27.43 28.18 -9.25
N LEU A 145 28.36 28.14 -8.31
CA LEU A 145 28.03 27.87 -6.89
C LEU A 145 27.12 28.95 -6.34
N TRP A 146 27.33 30.20 -6.75
CA TRP A 146 26.47 31.32 -6.29
C TRP A 146 25.04 31.09 -6.79
N ALA A 147 24.92 30.83 -8.08
CA ALA A 147 23.58 30.61 -8.64
C ALA A 147 22.92 29.42 -7.96
N TRP A 148 23.64 28.30 -7.91
CA TRP A 148 23.12 27.06 -7.28
C TRP A 148 22.66 27.32 -5.85
N GLU A 149 23.52 27.89 -5.01
CA GLU A 149 23.17 28.10 -3.58
C GLU A 149 22.07 29.15 -3.46
N SER A 150 22.26 30.29 -4.11
CA SER A 150 21.30 31.41 -3.99
C SER A 150 19.89 30.89 -4.30
N TRP A 151 19.77 30.16 -5.40
CA TRP A 151 18.48 29.59 -5.79
C TRP A 151 17.86 28.76 -4.64
N ARG A 152 18.64 27.84 -4.05
CA ARG A 152 18.13 26.92 -3.05
C ARG A 152 17.85 27.60 -1.70
N SER A 153 18.68 28.58 -1.32
CA SER A 153 18.57 29.23 -0.01
C SER A 153 17.61 30.42 -0.02
N GLU A 154 17.24 30.95 -1.20
CA GLU A 154 16.34 32.09 -1.25
C GLU A 154 14.95 31.64 -1.67
N VAL A 155 14.87 30.80 -2.71
CA VAL A 155 13.59 30.33 -3.19
C VAL A 155 13.21 29.02 -2.48
N GLY A 156 14.11 28.06 -2.42
CA GLY A 156 13.76 26.76 -1.81
C GLY A 156 13.29 26.90 -0.38
N LYS A 157 13.85 27.86 0.35
CA LYS A 157 13.52 28.00 1.80
C LYS A 157 12.11 28.57 1.96
N GLN A 158 11.56 29.15 0.90
CA GLN A 158 10.17 29.66 0.98
C GLN A 158 9.20 28.53 0.68
N LEU A 159 9.70 27.43 0.13
CA LEU A 159 8.83 26.33 -0.29
C LEU A 159 8.69 25.31 0.82
N ARG A 160 9.72 25.21 1.68
CA ARG A 160 9.78 24.28 2.81
C ARG A 160 8.54 24.38 3.69
N PRO A 161 8.13 25.56 4.20
CA PRO A 161 6.88 25.64 4.96
C PRO A 161 5.67 25.06 4.20
N LEU A 162 5.56 25.37 2.90
CA LEU A 162 4.40 25.04 2.08
C LEU A 162 4.39 23.56 1.69
N TYR A 163 5.56 23.04 1.28
CA TYR A 163 5.68 21.65 0.82
C TYR A 163 5.43 20.68 1.98
N GLU A 164 5.77 21.09 3.22
CA GLU A 164 5.45 20.27 4.39
C GLU A 164 3.94 20.11 4.51
N GLU A 165 3.20 21.19 4.25
CA GLU A 165 1.74 21.19 4.35
C GLU A 165 1.12 20.51 3.11
N TYR A 166 1.81 20.61 1.98
CA TYR A 166 1.42 19.87 0.78
C TYR A 166 1.37 18.38 1.11
N VAL A 167 2.39 17.87 1.80
CA VAL A 167 2.51 16.44 2.02
C VAL A 167 1.35 15.96 2.91
N VAL A 168 0.92 16.80 3.86
CA VAL A 168 -0.12 16.42 4.80
C VAL A 168 -1.45 16.30 4.06
N LEU A 169 -1.83 17.34 3.32
CA LEU A 169 -3.12 17.36 2.63
C LEU A 169 -3.14 16.35 1.47
N LYS A 170 -2.01 16.20 0.77
CA LYS A 170 -1.93 15.24 -0.31
C LYS A 170 -2.09 13.82 0.24
N ASN A 171 -1.54 13.54 1.43
CA ASN A 171 -1.59 12.18 2.00
C ASN A 171 -2.99 11.90 2.58
N GLU A 172 -3.66 12.92 3.15
CA GLU A 172 -5.07 12.79 3.49
C GLU A 172 -5.88 12.37 2.26
N MET A 173 -5.66 13.07 1.14
CA MET A 173 -6.43 12.89 -0.07
C MET A 173 -6.19 11.45 -0.57
N ALA A 174 -4.93 11.01 -0.55
CA ALA A 174 -4.55 9.68 -1.05
C ALA A 174 -5.17 8.56 -0.21
N ARG A 175 -5.39 8.83 1.09
CA ARG A 175 -5.82 7.79 2.01
C ARG A 175 -7.35 7.76 2.10
N ALA A 176 -7.98 8.90 1.78
CA ALA A 176 -9.43 8.94 1.62
C ALA A 176 -9.90 8.13 0.40
N ASN A 177 -8.96 7.71 -0.43
CA ASN A 177 -9.31 6.86 -1.60
C ASN A 177 -8.77 5.46 -1.32
N HIS A 178 -8.26 5.23 -0.10
CA HIS A 178 -7.82 3.87 0.32
C HIS A 178 -6.45 3.53 -0.28
N TYR A 179 -5.66 4.53 -0.65
CA TYR A 179 -4.27 4.29 -1.08
C TYR A 179 -3.40 4.48 0.16
N GLU A 180 -2.29 3.78 0.30
CA GLU A 180 -1.48 3.86 1.52
C GLU A 180 -1.01 5.29 1.75
N ASP A 181 -0.70 5.99 0.65
CA ASP A 181 -0.09 7.30 0.65
C ASP A 181 -0.15 7.83 -0.78
N TYR A 182 0.28 9.07 -0.99
CA TYR A 182 0.17 9.76 -2.27
C TYR A 182 1.20 9.27 -3.30
N GLY A 183 2.38 8.85 -2.82
CA GLY A 183 3.30 8.15 -3.69
C GLY A 183 2.67 6.88 -4.24
N ASP A 184 1.75 6.29 -3.45
CA ASP A 184 1.13 5.02 -3.80
C ASP A 184 0.09 5.28 -4.89
N TYR A 185 -0.77 6.29 -4.67
CA TYR A 185 -1.65 6.88 -5.68
C TYR A 185 -0.93 7.08 -7.02
N TRP A 186 0.28 7.70 -7.02
CA TRP A 186 1.02 7.99 -8.24
C TRP A 186 1.47 6.71 -8.92
N ARG A 187 1.95 5.77 -8.12
CA ARG A 187 2.30 4.45 -8.64
C ARG A 187 1.05 3.79 -9.25
N GLY A 188 -0.13 4.28 -8.91
CA GLY A 188 -1.38 3.71 -9.43
C GLY A 188 -1.57 3.93 -10.92
N ASP A 189 -0.84 4.86 -11.52
CA ASP A 189 -0.93 5.11 -12.98
C ASP A 189 -0.53 3.84 -13.74
N TYR A 190 0.34 3.03 -13.14
CA TYR A 190 0.86 1.81 -13.84
C TYR A 190 0.09 0.58 -13.36
N GLU A 191 -1.05 0.77 -12.72
CA GLU A 191 -1.75 -0.39 -12.11
C GLU A 191 -2.76 -1.05 -13.03
N VAL A 192 -2.49 -2.28 -13.42
CA VAL A 192 -3.45 -3.14 -14.11
C VAL A 192 -3.93 -4.21 -13.12
N ASN A 193 -5.21 -4.16 -12.78
CA ASN A 193 -5.80 -5.18 -11.88
C ASN A 193 -7.04 -5.75 -12.56
N GLY A 194 -7.18 -7.07 -12.60
CA GLY A 194 -8.41 -7.66 -13.16
C GLY A 194 -8.30 -8.02 -14.61
N VAL A 195 -7.13 -7.81 -15.23
CA VAL A 195 -6.93 -8.26 -16.63
C VAL A 195 -6.03 -9.49 -16.55
N ASP A 196 -6.65 -10.66 -16.43
CA ASP A 196 -5.88 -11.91 -16.26
C ASP A 196 -4.71 -11.96 -17.23
N GLY A 197 -3.48 -12.11 -16.72
CA GLY A 197 -2.30 -12.28 -17.59
C GLY A 197 -1.58 -10.99 -17.89
N TYR A 198 -2.18 -9.84 -17.58
CA TYR A 198 -1.57 -8.53 -17.92
C TYR A 198 -1.63 -7.63 -16.69
N ASP A 199 -1.89 -8.21 -15.52
CA ASP A 199 -2.04 -7.40 -14.28
C ASP A 199 -0.68 -6.89 -13.78
N TYR A 200 -0.67 -5.74 -13.10
CA TYR A 200 0.57 -5.15 -12.56
C TYR A 200 0.20 -4.36 -11.30
N SER A 201 0.91 -4.59 -10.20
CA SER A 201 0.54 -3.92 -8.96
C SER A 201 1.46 -2.70 -8.73
N ARG A 202 1.03 -1.83 -7.81
CA ARG A 202 1.81 -0.62 -7.49
C ARG A 202 3.18 -0.99 -6.91
N GLY A 203 3.24 -1.91 -5.94
CA GLY A 203 4.51 -2.31 -5.36
C GLY A 203 5.44 -3.01 -6.36
N GLN A 204 4.87 -3.56 -7.43
CA GLN A 204 5.66 -4.17 -8.48
C GLN A 204 6.50 -3.10 -9.20
N LEU A 205 6.03 -1.85 -9.23
CA LEU A 205 6.70 -0.80 -9.99
C LEU A 205 8.05 -0.50 -9.35
N ILE A 206 8.02 -0.31 -8.02
CA ILE A 206 9.23 -0.17 -7.23
C ILE A 206 10.20 -1.33 -7.51
N GLU A 207 9.69 -2.56 -7.62
CA GLU A 207 10.52 -3.74 -7.72
C GLU A 207 11.29 -3.72 -9.05
N ASP A 208 10.57 -3.36 -10.13
CA ASP A 208 11.14 -3.36 -11.47
C ASP A 208 12.01 -2.12 -11.69
N VAL A 209 11.71 -1.03 -10.98
CA VAL A 209 12.48 0.20 -11.15
C VAL A 209 13.87 0.00 -10.56
N GLU A 210 13.90 -0.62 -9.37
CA GLU A 210 15.09 -0.97 -8.63
C GLU A 210 15.88 -2.08 -9.31
N HIS A 211 15.21 -3.16 -9.74
CA HIS A 211 15.89 -4.24 -10.44
C HIS A 211 16.57 -3.68 -11.69
N THR A 212 15.86 -2.85 -12.46
CA THR A 212 16.36 -2.31 -13.73
C THR A 212 17.51 -1.33 -13.47
N PHE A 213 17.34 -0.54 -12.39
CA PHE A 213 18.33 0.45 -12.02
C PHE A 213 19.68 -0.21 -11.70
N GLU A 214 19.63 -1.35 -10.99
CA GLU A 214 20.82 -2.08 -10.58
C GLU A 214 21.57 -2.56 -11.83
N GLU A 215 20.84 -2.95 -12.87
CA GLU A 215 21.51 -3.36 -14.13
C GLU A 215 22.11 -2.13 -14.82
N ILE A 216 21.73 -0.92 -14.42
CA ILE A 216 22.21 0.31 -15.11
C ILE A 216 23.38 0.91 -14.32
N LYS A 217 23.53 0.50 -13.07
CA LYS A 217 24.60 1.09 -12.21
C LYS A 217 25.98 0.92 -12.85
N PRO A 218 26.35 -0.26 -13.40
CA PRO A 218 27.68 -0.42 -13.97
C PRO A 218 27.98 0.64 -15.04
N LEU A 219 27.01 0.97 -15.89
CA LEU A 219 27.23 1.95 -16.99
C LEU A 219 27.38 3.37 -16.45
N TYR A 220 26.47 3.81 -15.56
CA TYR A 220 26.54 5.17 -14.99
C TYR A 220 27.84 5.32 -14.18
N GLU A 221 28.29 4.24 -13.56
CA GLU A 221 29.52 4.29 -12.71
C GLU A 221 30.70 4.69 -13.59
N HIS A 222 30.77 4.10 -14.78
CA HIS A 222 31.86 4.40 -15.69
C HIS A 222 31.66 5.74 -16.38
N LEU A 223 30.40 6.13 -16.60
CA LEU A 223 30.14 7.45 -17.15
C LEU A 223 30.63 8.48 -16.15
N HIS A 224 30.21 8.29 -14.90
CA HIS A 224 30.57 9.19 -13.80
C HIS A 224 32.09 9.26 -13.61
N ALA A 225 32.79 8.14 -13.75
CA ALA A 225 34.23 8.11 -13.50
C ALA A 225 34.95 8.93 -14.57
N TYR A 226 34.51 8.76 -15.83
CA TYR A 226 35.02 9.45 -17.00
C TYR A 226 34.77 10.97 -16.95
N VAL A 227 33.54 11.34 -16.56
CA VAL A 227 33.14 12.73 -16.50
C VAL A 227 33.97 13.41 -15.41
N ARG A 228 34.16 12.74 -14.27
CA ARG A 228 34.90 13.27 -13.12
C ARG A 228 36.38 13.47 -13.48
N ALA A 229 37.00 12.49 -14.16
CA ALA A 229 38.39 12.59 -14.62
C ALA A 229 38.58 13.81 -15.52
N LYS A 230 37.56 14.12 -16.35
CA LYS A 230 37.56 15.27 -17.23
C LYS A 230 37.30 16.58 -16.47
N LEU A 231 36.35 16.61 -15.51
CA LEU A 231 36.08 17.84 -14.76
C LEU A 231 37.22 18.23 -13.84
N MET A 232 38.19 17.33 -13.63
CA MET A 232 39.39 17.61 -12.88
C MET A 232 40.32 18.49 -13.72
N ASN A 233 40.35 18.26 -15.04
CA ASN A 233 41.07 19.09 -16.00
C ASN A 233 40.44 20.48 -16.14
N ALA A 234 39.11 20.55 -16.11
CA ALA A 234 38.43 21.82 -16.28
C ALA A 234 38.18 22.54 -14.95
N TYR A 235 38.34 21.85 -13.85
CA TYR A 235 38.18 22.52 -12.53
C TYR A 235 39.26 21.98 -11.59
N PRO A 236 40.55 22.01 -11.99
CA PRO A 236 41.60 21.45 -11.16
C PRO A 236 41.51 22.07 -9.76
N SER A 237 41.77 21.27 -8.72
CA SER A 237 41.77 21.79 -7.33
C SER A 237 40.40 21.66 -6.67
N TYR A 238 39.34 21.52 -7.44
CA TYR A 238 37.98 21.59 -6.83
C TYR A 238 37.29 20.23 -6.75
N ILE A 239 37.83 19.20 -7.41
CA ILE A 239 37.11 17.90 -7.47
C ILE A 239 38.00 16.78 -6.95
N SER A 240 37.50 15.98 -6.01
CA SER A 240 38.27 14.81 -5.53
C SER A 240 38.22 13.71 -6.59
N PRO A 241 39.31 12.95 -6.77
CA PRO A 241 39.36 11.87 -7.77
C PRO A 241 38.58 10.60 -7.45
N ILE A 242 37.97 10.59 -6.25
CA ILE A 242 37.31 9.45 -5.63
C ILE A 242 36.07 9.95 -4.87
N GLY A 243 35.64 11.17 -5.19
CA GLY A 243 34.53 11.80 -4.50
C GLY A 243 33.36 11.92 -5.46
N CYS A 244 32.24 12.38 -4.91
CA CYS A 244 31.05 12.72 -5.68
C CYS A 244 31.36 13.96 -6.55
N LEU A 245 30.58 14.13 -7.64
CA LEU A 245 30.60 15.35 -8.44
C LEU A 245 29.87 16.45 -7.67
N PRO A 246 30.46 17.66 -7.53
CA PRO A 246 29.76 18.79 -6.91
C PRO A 246 28.44 19.05 -7.66
N ALA A 247 27.39 19.45 -6.94
CA ALA A 247 26.05 19.52 -7.52
C ALA A 247 25.93 20.71 -8.50
N HIS A 248 26.80 21.71 -8.36
CA HIS A 248 26.72 22.96 -9.12
C HIS A 248 27.59 22.90 -10.38
N LEU A 249 28.10 21.73 -10.74
CA LEU A 249 29.04 21.62 -11.85
C LEU A 249 28.52 20.69 -12.96
N LEU A 250 27.20 20.44 -12.98
CA LEU A 250 26.69 19.30 -13.75
C LEU A 250 25.97 19.76 -15.03
N GLY A 251 26.05 21.06 -15.35
CA GLY A 251 25.65 21.57 -16.64
C GLY A 251 24.21 22.08 -16.67
N ASP A 252 23.56 22.16 -15.50
CA ASP A 252 22.22 22.73 -15.36
C ASP A 252 21.96 22.91 -13.86
N MET A 253 20.77 23.41 -13.50
CA MET A 253 20.54 23.87 -12.14
C MET A 253 20.57 22.74 -11.10
N TRP A 254 20.24 21.49 -11.49
CA TRP A 254 20.05 20.40 -10.53
C TRP A 254 20.92 19.20 -10.91
N GLY A 255 21.43 19.19 -12.16
CA GLY A 255 22.08 18.02 -12.74
C GLY A 255 21.09 17.00 -13.35
N ARG A 256 19.85 17.43 -13.63
CA ARG A 256 18.88 16.52 -14.23
C ARG A 256 19.47 15.92 -15.51
N PHE A 257 19.99 16.78 -16.40
CA PHE A 257 20.77 16.33 -17.55
C PHE A 257 22.21 16.79 -17.36
N TRP A 258 23.14 16.00 -17.91
CA TRP A 258 24.54 16.39 -17.97
C TRP A 258 24.89 16.81 -19.40
N THR A 259 23.92 17.33 -20.17
CA THR A 259 24.11 17.50 -21.60
C THR A 259 25.19 18.55 -21.88
N ASN A 260 25.18 19.61 -21.05
CA ASN A 260 26.03 20.78 -21.23
C ASN A 260 27.51 20.54 -20.88
N LEU A 261 27.86 19.31 -20.47
CA LEU A 261 29.23 18.96 -20.15
C LEU A 261 29.87 18.32 -21.37
N TYR A 262 29.20 18.34 -22.52
CA TYR A 262 29.70 17.63 -23.69
C TYR A 262 31.06 18.19 -24.14
N SER A 263 31.19 19.53 -24.08
CA SER A 263 32.36 20.20 -24.62
C SER A 263 33.56 19.92 -23.74
N LEU A 264 33.33 19.75 -22.42
CA LEU A 264 34.38 19.38 -21.47
C LEU A 264 34.82 17.92 -21.62
N THR A 265 33.89 17.04 -21.97
CA THR A 265 34.07 15.61 -21.81
C THR A 265 34.12 14.86 -23.14
N VAL A 266 34.24 15.59 -24.24
CA VAL A 266 34.10 15.00 -25.57
C VAL A 266 35.28 14.05 -25.81
N PRO A 267 34.99 12.76 -26.14
CA PRO A 267 36.05 11.80 -26.44
C PRO A 267 37.07 12.29 -27.46
N PHE A 268 36.61 12.67 -28.64
CA PHE A 268 37.53 13.08 -29.73
C PHE A 268 37.07 14.42 -30.31
N GLY A 269 37.59 15.53 -29.78
CA GLY A 269 37.18 16.87 -30.24
C GLY A 269 37.67 17.18 -31.64
N GLN A 270 38.76 16.55 -32.07
CA GLN A 270 39.35 16.85 -33.39
C GLN A 270 38.42 16.37 -34.50
N LYS A 271 37.40 15.59 -34.16
CA LYS A 271 36.46 15.06 -35.17
C LYS A 271 35.33 16.09 -35.38
N PRO A 272 34.64 16.06 -36.54
CA PRO A 272 33.52 16.96 -36.80
C PRO A 272 32.30 16.72 -35.92
N ASN A 273 31.52 17.77 -35.64
CA ASN A 273 30.27 17.63 -34.85
C ASN A 273 29.10 17.47 -35.84
N ILE A 274 28.30 16.42 -35.70
CA ILE A 274 27.21 16.16 -36.68
C ILE A 274 26.31 17.39 -36.83
N ASP A 275 26.37 18.37 -35.93
CA ASP A 275 25.41 19.47 -36.01
C ASP A 275 25.21 20.05 -37.43
N VAL A 276 23.92 20.16 -37.82
CA VAL A 276 23.50 20.52 -39.19
C VAL A 276 22.77 21.85 -39.21
N THR A 277 22.77 22.58 -38.09
CA THR A 277 22.13 23.89 -38.01
C THR A 277 22.60 24.85 -39.09
N ASP A 278 23.84 24.71 -39.56
CA ASP A 278 24.42 25.61 -40.54
C ASP A 278 23.99 25.23 -41.97
N ALA A 279 23.73 23.93 -42.21
CA ALA A 279 23.21 23.43 -43.47
C ALA A 279 21.74 23.84 -43.56
N MET A 280 21.03 23.75 -42.44
CA MET A 280 19.66 24.20 -42.40
C MET A 280 19.62 25.67 -42.81
N VAL A 281 20.60 26.46 -42.38
CA VAL A 281 20.58 27.89 -42.62
C VAL A 281 21.08 28.23 -44.02
N ASP A 282 22.13 27.54 -44.48
CA ASP A 282 22.61 27.67 -45.84
C ASP A 282 21.53 27.30 -46.85
N GLN A 283 20.68 26.31 -46.54
CA GLN A 283 19.59 25.92 -47.42
C GLN A 283 18.32 26.73 -47.13
N ALA A 284 18.46 27.75 -46.30
CA ALA A 284 17.32 28.66 -46.05
C ALA A 284 16.10 27.89 -45.56
N TRP A 285 16.30 26.97 -44.62
CA TRP A 285 15.15 26.26 -44.03
C TRP A 285 14.37 27.25 -43.17
N ASP A 286 13.07 27.05 -43.06
CA ASP A 286 12.22 27.90 -42.19
C ASP A 286 11.45 26.96 -41.27
N ALA A 287 10.52 27.48 -40.48
CA ALA A 287 9.73 26.61 -39.61
C ALA A 287 8.86 25.65 -40.42
N GLN A 288 8.20 26.16 -41.48
CA GLN A 288 7.36 25.36 -42.37
C GLN A 288 8.11 24.11 -42.86
N ARG A 289 9.34 24.35 -43.32
CA ARG A 289 10.16 23.30 -43.90
C ARG A 289 10.41 22.20 -42.87
N ILE A 290 10.77 22.66 -41.66
CA ILE A 290 11.17 21.77 -40.58
C ILE A 290 9.99 20.86 -40.29
N PHE A 291 8.80 21.46 -40.18
CA PHE A 291 7.57 20.72 -39.92
C PHE A 291 7.03 19.98 -41.14
N LYS A 292 7.35 20.41 -42.36
CA LYS A 292 6.93 19.63 -43.56
C LYS A 292 7.85 18.42 -43.70
N GLU A 293 9.04 18.49 -43.11
CA GLU A 293 10.02 17.38 -43.18
C GLU A 293 9.65 16.35 -42.10
N ALA A 294 9.13 16.80 -40.97
CA ALA A 294 8.65 15.84 -39.94
C ALA A 294 7.46 15.09 -40.53
N GLU A 295 6.48 15.83 -41.05
CA GLU A 295 5.33 15.25 -41.73
C GLU A 295 5.76 14.16 -42.73
N LYS A 296 6.82 14.42 -43.49
CA LYS A 296 7.25 13.44 -44.51
C LYS A 296 7.77 12.19 -43.81
N PHE A 297 8.40 12.34 -42.64
CA PHE A 297 8.98 11.19 -41.91
C PHE A 297 7.87 10.23 -41.52
N PHE A 298 6.77 10.76 -40.98
CA PHE A 298 5.65 9.92 -40.50
C PHE A 298 4.92 9.30 -41.69
N VAL A 299 4.86 10.00 -42.82
CA VAL A 299 4.21 9.46 -44.01
C VAL A 299 5.01 8.27 -44.55
N SER A 300 6.33 8.30 -44.39
CA SER A 300 7.24 7.23 -44.89
C SER A 300 7.04 5.91 -44.14
N VAL A 301 6.55 5.98 -42.90
CA VAL A 301 6.28 4.75 -42.11
C VAL A 301 4.81 4.38 -42.29
N GLY A 302 4.06 5.18 -43.03
CA GLY A 302 2.66 4.87 -43.33
C GLY A 302 1.65 5.51 -42.39
N LEU A 303 2.08 6.50 -41.60
CA LEU A 303 1.13 7.19 -40.73
C LEU A 303 0.53 8.34 -41.52
N PRO A 304 -0.60 8.91 -41.07
CA PRO A 304 -1.23 9.99 -41.83
C PRO A 304 -0.43 11.29 -41.97
N ASN A 305 -0.89 12.11 -42.91
CA ASN A 305 -0.47 13.48 -43.03
C ASN A 305 -1.11 14.24 -41.91
N MET A 306 -0.61 15.45 -41.68
CA MET A 306 -1.20 16.37 -40.74
C MET A 306 -2.47 16.93 -41.36
N THR A 307 -3.40 17.37 -40.51
CA THR A 307 -4.69 17.86 -40.97
C THR A 307 -4.48 19.21 -41.68
N GLN A 308 -5.52 19.65 -42.41
CA GLN A 308 -5.57 21.01 -42.93
C GLN A 308 -5.44 21.96 -41.75
N GLY A 309 -6.21 21.69 -40.68
CA GLY A 309 -6.35 22.59 -39.55
C GLY A 309 -5.08 22.72 -38.72
N PHE A 310 -4.17 21.74 -38.83
CA PHE A 310 -2.88 21.78 -38.15
C PHE A 310 -2.00 22.89 -38.72
N TRP A 311 -2.02 23.04 -40.07
CA TRP A 311 -1.28 24.07 -40.78
C TRP A 311 -1.94 25.45 -40.65
N GLU A 312 -3.27 25.49 -40.48
CA GLU A 312 -3.96 26.77 -40.34
C GLU A 312 -3.91 27.30 -38.91
N ASN A 313 -4.04 26.43 -37.90
CA ASN A 313 -4.33 26.86 -36.54
C ASN A 313 -3.08 26.83 -35.69
N SER A 314 -2.04 26.12 -36.17
CA SER A 314 -0.81 25.97 -35.41
C SER A 314 -0.05 27.28 -35.39
N MET A 315 0.62 27.55 -34.27
CA MET A 315 1.68 28.53 -34.21
C MET A 315 3.04 27.83 -34.20
N LEU A 316 3.78 27.95 -35.32
CA LEU A 316 5.07 27.31 -35.53
C LEU A 316 6.23 28.29 -35.43
N THR A 317 5.93 29.54 -35.07
CA THR A 317 6.95 30.58 -34.87
C THR A 317 6.43 31.59 -33.86
N ASP A 318 7.36 32.36 -33.29
CA ASP A 318 7.11 33.37 -32.28
C ASP A 318 6.47 34.60 -32.90
N PRO A 319 5.25 35.04 -32.48
CA PRO A 319 4.52 36.12 -33.18
C PRO A 319 4.95 37.57 -32.96
N GLY A 320 6.12 37.79 -32.34
CA GLY A 320 6.69 39.11 -32.18
C GLY A 320 6.33 39.76 -30.85
N ASN A 321 6.28 41.10 -30.85
CA ASN A 321 5.99 41.91 -29.67
C ASN A 321 4.54 42.41 -29.68
N VAL A 322 3.80 42.08 -30.75
CA VAL A 322 2.40 42.46 -30.89
C VAL A 322 1.51 41.42 -30.19
N GLN A 323 2.14 40.38 -29.62
CA GLN A 323 1.44 39.20 -29.15
C GLN A 323 2.34 38.41 -28.21
N LYS A 324 1.78 37.96 -27.07
CA LYS A 324 2.53 37.29 -26.01
C LYS A 324 2.19 35.80 -25.97
N ALA A 325 3.12 34.94 -26.42
CA ALA A 325 2.93 33.49 -26.48
C ALA A 325 3.78 32.79 -25.44
N VAL A 326 3.34 31.60 -24.98
CA VAL A 326 4.14 30.73 -24.13
C VAL A 326 4.98 29.81 -25.03
N CYS A 327 6.30 30.06 -25.08
CA CYS A 327 7.19 29.48 -26.07
C CYS A 327 7.76 28.13 -25.64
N HIS A 328 7.04 27.41 -24.78
CA HIS A 328 7.37 26.03 -24.46
C HIS A 328 6.78 25.13 -25.55
N PRO A 329 7.61 24.38 -26.30
CA PRO A 329 7.11 23.47 -27.33
C PRO A 329 5.99 22.58 -26.78
N THR A 330 4.80 22.62 -27.38
CA THR A 330 3.66 21.85 -26.82
C THR A 330 2.77 21.34 -27.95
N ALA A 331 2.46 20.03 -27.94
CA ALA A 331 1.56 19.43 -28.95
C ALA A 331 0.14 19.40 -28.39
N TRP A 332 -0.83 19.85 -29.18
CA TRP A 332 -2.22 20.00 -28.65
C TRP A 332 -3.24 19.10 -29.32
N ASP A 333 -4.14 18.51 -28.54
CA ASP A 333 -5.26 17.70 -28.98
C ASP A 333 -6.51 18.31 -28.35
N LEU A 334 -7.17 19.20 -29.11
CA LEU A 334 -8.22 20.07 -28.61
C LEU A 334 -9.54 19.31 -28.60
N GLY A 335 -9.59 18.26 -29.43
CA GLY A 335 -10.81 17.55 -29.69
C GLY A 335 -11.37 17.87 -31.08
N LYS A 336 -12.39 17.10 -31.47
CA LYS A 336 -13.24 17.37 -32.63
C LYS A 336 -12.39 17.55 -33.88
N GLY A 337 -11.30 16.77 -33.97
CA GLY A 337 -10.49 16.69 -35.18
C GLY A 337 -9.45 17.79 -35.26
N ASP A 338 -9.33 18.55 -34.15
CA ASP A 338 -8.51 19.74 -34.08
C ASP A 338 -7.20 19.48 -33.34
N PHE A 339 -6.11 19.42 -34.11
CA PHE A 339 -4.77 19.17 -33.61
C PHE A 339 -3.86 20.34 -34.02
N ARG A 340 -3.11 20.85 -33.03
CA ARG A 340 -2.21 21.99 -33.22
C ARG A 340 -0.89 21.77 -32.43
N ILE A 341 0.23 22.24 -33.02
CA ILE A 341 1.49 22.41 -32.30
C ILE A 341 1.75 23.90 -32.07
N LEU A 342 2.26 24.19 -30.88
CA LEU A 342 2.71 25.51 -30.49
C LEU A 342 4.22 25.43 -30.26
N MET A 343 5.00 26.19 -31.03
CA MET A 343 6.44 26.13 -30.89
C MET A 343 7.08 27.35 -31.55
N CYS A 344 8.00 27.97 -30.81
CA CYS A 344 8.77 29.11 -31.28
C CYS A 344 9.99 28.60 -32.04
N THR A 345 9.71 28.01 -33.21
CA THR A 345 10.71 27.25 -33.93
C THR A 345 11.85 28.16 -34.34
N LYS A 346 13.09 27.74 -34.06
CA LYS A 346 14.29 28.38 -34.57
C LYS A 346 14.97 27.39 -35.50
N VAL A 347 15.77 27.93 -36.42
CA VAL A 347 16.27 27.16 -37.54
C VAL A 347 17.57 26.48 -37.08
N THR A 348 17.37 25.40 -36.31
CA THR A 348 18.37 24.80 -35.44
C THR A 348 18.18 23.30 -35.52
N MET A 349 19.25 22.52 -35.29
CA MET A 349 19.12 21.07 -35.26
C MET A 349 18.25 20.67 -34.08
N ASP A 350 18.44 21.31 -32.93
CA ASP A 350 17.64 20.96 -31.77
C ASP A 350 16.15 21.06 -32.11
N ASP A 351 15.74 22.19 -32.67
CA ASP A 351 14.28 22.39 -32.93
C ASP A 351 13.83 21.40 -34.01
N PHE A 352 14.68 21.13 -35.00
CA PHE A 352 14.34 20.11 -36.03
C PHE A 352 13.93 18.82 -35.34
N LEU A 353 14.75 18.33 -34.41
CA LEU A 353 14.47 17.06 -33.72
C LEU A 353 13.25 17.22 -32.79
N THR A 354 13.14 18.36 -32.12
CA THR A 354 12.01 18.63 -31.23
C THR A 354 10.68 18.60 -32.00
N ALA A 355 10.73 19.12 -33.24
CA ALA A 355 9.56 19.12 -34.09
C ALA A 355 9.07 17.68 -34.29
N HIS A 356 10.01 16.73 -34.54
CA HIS A 356 9.69 15.32 -34.68
C HIS A 356 9.12 14.76 -33.38
N HIS A 357 9.66 15.18 -32.25
CA HIS A 357 9.12 14.74 -30.94
C HIS A 357 7.69 15.24 -30.78
N GLU A 358 7.45 16.51 -31.07
CA GLU A 358 6.12 17.12 -30.86
C GLU A 358 5.08 16.54 -31.82
N MET A 359 5.46 16.31 -33.08
CA MET A 359 4.49 15.81 -34.07
C MET A 359 4.20 14.34 -33.76
N GLY A 360 5.14 13.66 -33.11
CA GLY A 360 4.88 12.27 -32.66
C GLY A 360 3.70 12.21 -31.71
N HIS A 361 3.59 13.20 -30.82
CA HIS A 361 2.43 13.27 -29.89
C HIS A 361 1.15 13.46 -30.72
N ILE A 362 1.24 14.25 -31.77
CA ILE A 362 0.07 14.52 -32.66
C ILE A 362 -0.37 13.19 -33.28
N GLN A 363 0.56 12.44 -33.86
CA GLN A 363 0.27 11.12 -34.39
C GLN A 363 -0.36 10.21 -33.33
N TYR A 364 0.12 10.29 -32.09
CA TYR A 364 -0.45 9.50 -31.01
C TYR A 364 -1.89 9.96 -30.80
N ASP A 365 -2.10 11.28 -30.64
CA ASP A 365 -3.43 11.80 -30.34
C ASP A 365 -4.41 11.47 -31.46
N MET A 366 -3.91 11.50 -32.71
CA MET A 366 -4.72 11.29 -33.88
C MET A 366 -5.10 9.83 -33.91
N ALA A 367 -4.12 8.96 -33.71
CA ALA A 367 -4.39 7.53 -33.65
C ALA A 367 -5.61 7.27 -32.75
N TYR A 368 -5.53 7.68 -31.49
CA TYR A 368 -6.48 7.17 -30.52
C TYR A 368 -7.74 8.03 -30.49
N ALA A 369 -7.92 8.89 -31.51
CA ALA A 369 -9.19 9.55 -31.75
C ALA A 369 -10.25 8.49 -32.08
N ALA A 370 -9.79 7.34 -32.57
CA ALA A 370 -10.69 6.22 -32.86
C ALA A 370 -11.25 5.66 -31.54
N GLN A 371 -10.72 6.12 -30.42
CA GLN A 371 -11.16 5.58 -29.12
C GLN A 371 -12.30 6.44 -28.57
N PRO A 372 -13.17 5.91 -27.70
CA PRO A 372 -14.19 6.72 -27.06
C PRO A 372 -13.47 7.80 -26.24
N PHE A 373 -14.12 8.93 -26.00
CA PHE A 373 -13.50 10.08 -25.29
C PHE A 373 -12.65 9.67 -24.08
N LEU A 374 -13.23 9.01 -23.09
CA LEU A 374 -12.49 8.75 -21.82
C LEU A 374 -11.29 7.81 -22.01
N LEU A 375 -11.15 7.16 -23.15
CA LEU A 375 -10.04 6.21 -23.39
C LEU A 375 -9.04 6.89 -24.32
N ARG A 376 -9.22 8.18 -24.57
CA ARG A 376 -8.30 8.93 -25.46
C ARG A 376 -7.14 9.44 -24.62
N ASN A 377 -6.20 8.54 -24.29
CA ASN A 377 -5.02 8.90 -23.49
C ASN A 377 -3.91 7.90 -23.82
N GLY A 378 -2.66 8.21 -23.53
CA GLY A 378 -1.58 7.23 -23.70
C GLY A 378 -1.74 6.09 -22.70
N ALA A 379 -1.16 4.93 -22.96
CA ALA A 379 -1.37 3.75 -22.09
C ALA A 379 -0.88 4.02 -20.67
N ASN A 380 0.23 4.74 -20.52
CA ASN A 380 0.73 5.13 -19.18
C ASN A 380 1.51 6.45 -19.31
N GLU A 381 1.77 7.12 -18.20
CA GLU A 381 2.45 8.44 -18.20
C GLU A 381 3.81 8.40 -18.89
N GLY A 382 4.28 7.23 -19.27
CA GLY A 382 5.61 7.12 -19.90
C GLY A 382 5.51 6.84 -21.39
N PHE A 383 4.31 6.57 -21.87
CA PHE A 383 4.14 6.18 -23.29
C PHE A 383 4.29 7.40 -24.21
N HIS A 384 3.61 8.50 -23.90
CA HIS A 384 3.64 9.66 -24.83
C HIS A 384 5.09 10.16 -24.98
N GLU A 385 5.81 10.26 -23.87
CA GLU A 385 7.20 10.72 -23.95
C GLU A 385 8.07 9.76 -24.75
N ALA A 386 7.87 8.45 -24.58
CA ALA A 386 8.64 7.46 -25.35
C ALA A 386 8.27 7.53 -26.83
N VAL A 387 6.98 7.80 -27.12
CA VAL A 387 6.57 8.00 -28.52
C VAL A 387 7.33 9.20 -29.12
N GLY A 388 7.34 10.34 -28.40
CA GLY A 388 8.14 11.50 -28.78
C GLY A 388 9.62 11.18 -29.05
N GLU A 389 10.27 10.47 -28.12
CA GLU A 389 11.71 10.30 -28.08
C GLU A 389 12.23 9.42 -29.23
N ILE A 390 11.43 8.46 -29.71
CA ILE A 390 11.92 7.53 -30.73
C ILE A 390 11.92 8.17 -32.12
N MET A 391 11.07 9.19 -32.30
CA MET A 391 11.03 9.92 -33.56
C MET A 391 12.33 10.72 -33.69
N SER A 392 12.66 11.39 -32.61
CA SER A 392 13.92 12.09 -32.45
C SER A 392 15.12 11.14 -32.57
N LEU A 393 14.98 9.88 -32.15
CA LEU A 393 16.12 8.94 -32.20
C LEU A 393 16.50 8.66 -33.66
N SER A 394 15.51 8.40 -34.51
CA SER A 394 15.75 8.06 -35.94
C SER A 394 16.17 9.31 -36.74
N ALA A 395 15.54 10.45 -36.48
CA ALA A 395 15.80 11.68 -37.26
C ALA A 395 17.19 12.23 -36.99
N ALA A 396 17.81 11.87 -35.87
CA ALA A 396 19.10 12.42 -35.50
C ALA A 396 20.26 11.66 -36.14
N THR A 397 19.99 10.48 -36.71
CA THR A 397 21.02 9.62 -37.27
C THR A 397 21.58 10.23 -38.54
N PRO A 398 22.90 10.06 -38.81
CA PRO A 398 23.47 10.43 -40.11
C PRO A 398 22.74 9.86 -41.33
N LYS A 399 22.26 8.63 -41.25
CA LYS A 399 21.48 8.06 -42.37
C LYS A 399 20.35 9.00 -42.77
N HIS A 400 19.55 9.45 -41.81
CA HIS A 400 18.37 10.28 -42.12
C HIS A 400 18.76 11.67 -42.61
N LEU A 401 19.68 12.31 -41.88
CA LEU A 401 20.11 13.68 -42.25
C LEU A 401 20.63 13.67 -43.69
N LYS A 402 21.38 12.63 -44.07
CA LYS A 402 21.91 12.53 -45.45
C LYS A 402 20.73 12.33 -46.39
N SER A 403 19.76 11.54 -45.97
CA SER A 403 18.56 11.27 -46.80
C SER A 403 17.81 12.58 -47.07
N ILE A 404 17.85 13.51 -46.13
CA ILE A 404 17.10 14.80 -46.27
C ILE A 404 18.08 15.87 -46.74
N GLY A 405 19.36 15.52 -46.88
CA GLY A 405 20.34 16.47 -47.44
C GLY A 405 20.82 17.53 -46.46
N LEU A 406 20.82 17.23 -45.17
CA LEU A 406 21.39 18.18 -44.17
C LEU A 406 22.83 17.75 -43.91
N LEU A 407 23.21 16.58 -44.43
CA LEU A 407 24.58 16.06 -44.24
C LEU A 407 25.13 15.64 -45.59
N SER A 408 26.38 15.96 -45.87
CA SER A 408 26.96 15.65 -47.20
C SER A 408 27.00 14.14 -47.42
N PRO A 409 26.69 13.67 -48.65
CA PRO A 409 26.77 12.25 -48.95
C PRO A 409 28.13 11.67 -48.56
N ASP A 410 29.13 12.53 -48.36
CA ASP A 410 30.51 12.05 -48.07
C ASP A 410 30.87 12.29 -46.60
N PHE A 411 29.87 12.36 -45.70
CA PHE A 411 30.21 12.49 -44.26
C PHE A 411 30.88 11.20 -43.82
N GLN A 412 31.90 11.31 -42.97
CA GLN A 412 32.68 10.11 -42.57
C GLN A 412 32.25 9.61 -41.20
N GLU A 413 31.17 8.84 -41.14
CA GLU A 413 30.79 8.24 -39.83
C GLU A 413 31.81 7.13 -39.52
N ASP A 414 32.55 7.27 -38.42
CA ASP A 414 33.59 6.29 -38.06
C ASP A 414 33.38 5.83 -36.61
N ASN A 415 34.37 5.12 -36.05
CA ASN A 415 34.27 4.63 -34.66
C ASN A 415 34.26 5.83 -33.72
N GLU A 416 35.11 6.81 -33.97
CA GLU A 416 35.17 8.01 -33.11
C GLU A 416 33.84 8.77 -33.22
N THR A 417 33.36 8.93 -34.45
CA THR A 417 32.06 9.63 -34.64
C THR A 417 30.99 8.85 -33.88
N GLU A 418 31.06 7.52 -33.91
CA GLU A 418 30.06 6.67 -33.21
C GLU A 418 30.19 6.89 -31.70
N ILE A 419 31.41 7.05 -31.20
CA ILE A 419 31.58 7.15 -29.75
C ILE A 419 31.17 8.53 -29.21
N ASN A 420 31.45 9.61 -29.95
CA ASN A 420 31.08 10.97 -29.53
C ASN A 420 29.57 11.11 -29.33
N PHE A 421 28.80 10.61 -30.32
CA PHE A 421 27.35 10.60 -30.36
C PHE A 421 26.80 9.88 -29.12
N LEU A 422 27.27 8.63 -28.91
CA LEU A 422 26.82 7.81 -27.78
C LEU A 422 27.12 8.48 -26.45
N LEU A 423 28.28 9.17 -26.35
CA LEU A 423 28.65 9.90 -25.15
C LEU A 423 27.67 11.04 -24.92
N LYS A 424 27.41 11.82 -25.96
CA LYS A 424 26.49 12.97 -25.78
C LYS A 424 25.11 12.43 -25.42
N GLN A 425 24.71 11.32 -26.06
CA GLN A 425 23.39 10.71 -25.77
C GLN A 425 23.34 10.24 -24.31
N ALA A 426 24.40 9.58 -23.85
CA ALA A 426 24.45 9.04 -22.48
C ALA A 426 24.39 10.16 -21.45
N LEU A 427 25.07 11.26 -21.74
CA LEU A 427 25.12 12.41 -20.80
C LEU A 427 23.69 12.93 -20.60
N THR A 428 22.83 12.74 -21.60
CA THR A 428 21.44 13.25 -21.51
C THR A 428 20.51 12.14 -21.02
N ILE A 429 20.63 10.94 -21.57
CA ILE A 429 19.69 9.82 -21.25
C ILE A 429 20.12 9.09 -19.98
N VAL A 430 21.33 8.53 -19.95
CA VAL A 430 21.80 7.73 -18.79
C VAL A 430 22.00 8.66 -17.59
N GLY A 431 22.46 9.88 -17.83
CA GLY A 431 22.74 10.82 -16.74
C GLY A 431 21.50 11.13 -15.92
N THR A 432 20.31 11.14 -16.55
CA THR A 432 19.08 11.54 -15.82
C THR A 432 18.48 10.35 -15.08
N LEU A 433 18.93 9.14 -15.39
CA LEU A 433 18.30 7.93 -14.78
C LEU A 433 18.56 7.86 -13.28
N PRO A 434 19.80 7.97 -12.76
CA PRO A 434 20.02 7.96 -11.33
C PRO A 434 19.35 9.19 -10.67
N PHE A 435 19.41 10.34 -11.33
CA PHE A 435 18.81 11.58 -10.77
C PHE A 435 17.30 11.43 -10.67
N THR A 436 16.70 10.75 -11.65
CA THR A 436 15.25 10.61 -11.69
C THR A 436 14.74 9.61 -10.66
N TYR A 437 15.43 8.43 -10.62
CA TYR A 437 15.13 7.38 -9.66
C TYR A 437 15.27 7.92 -8.24
N MET A 438 16.40 8.60 -7.94
CA MET A 438 16.71 9.11 -6.61
C MET A 438 15.62 10.09 -6.15
N LEU A 439 15.22 10.98 -7.05
CA LEU A 439 14.29 12.03 -6.69
C LEU A 439 12.93 11.45 -6.32
N GLU A 440 12.46 10.48 -7.13
CA GLU A 440 11.14 9.91 -6.90
C GLU A 440 11.21 8.99 -5.67
N LYS A 441 12.34 8.30 -5.50
CA LYS A 441 12.56 7.54 -4.27
C LYS A 441 12.39 8.45 -3.05
N TRP A 442 13.11 9.55 -3.03
CA TRP A 442 13.02 10.49 -1.93
C TRP A 442 11.56 10.84 -1.67
N ARG A 443 10.80 11.09 -2.74
CA ARG A 443 9.43 11.55 -2.61
C ARG A 443 8.49 10.43 -2.15
N TRP A 444 8.67 9.24 -2.73
CA TRP A 444 7.94 8.07 -2.28
C TRP A 444 8.06 7.92 -0.77
N MET A 445 9.31 7.96 -0.28
CA MET A 445 9.68 7.77 1.11
C MET A 445 9.10 8.86 2.01
N VAL A 446 9.20 10.14 1.60
CA VAL A 446 8.57 11.21 2.36
C VAL A 446 7.05 10.98 2.49
N PHE A 447 6.38 10.51 1.42
CA PHE A 447 4.93 10.41 1.40
C PHE A 447 4.47 9.24 2.26
N LYS A 448 5.26 8.15 2.15
CA LYS A 448 5.13 6.94 2.95
C LYS A 448 5.25 7.26 4.44
N GLY A 449 6.21 8.14 4.79
CA GLY A 449 6.58 8.46 6.16
C GLY A 449 7.87 7.78 6.60
N GLU A 450 8.62 7.15 5.66
CA GLU A 450 9.91 6.57 5.95
C GLU A 450 10.97 7.65 6.19
N ILE A 451 10.59 8.92 6.03
CA ILE A 451 11.56 10.04 6.24
C ILE A 451 10.88 11.08 7.14
N PRO A 452 11.45 11.36 8.34
CA PRO A 452 10.89 12.37 9.24
C PRO A 452 11.26 13.77 8.76
N LYS A 453 10.40 14.75 9.01
CA LYS A 453 10.63 16.13 8.52
C LYS A 453 11.99 16.62 9.00
N ASP A 454 12.45 16.11 10.14
CA ASP A 454 13.73 16.60 10.73
C ASP A 454 14.92 15.92 10.04
N GLN A 455 14.68 15.18 8.96
CA GLN A 455 15.80 14.55 8.21
C GLN A 455 15.57 14.67 6.70
N TRP A 456 14.59 15.46 6.27
CA TRP A 456 14.25 15.54 4.83
C TRP A 456 15.49 15.87 4.02
N MET A 457 16.22 16.92 4.41
CA MET A 457 17.38 17.36 3.60
C MET A 457 18.57 16.47 3.95
N LYS A 458 18.59 15.95 5.17
CA LYS A 458 19.66 15.01 5.57
C LYS A 458 19.59 13.80 4.64
N LYS A 459 18.38 13.28 4.42
CA LYS A 459 18.22 12.08 3.61
C LYS A 459 18.43 12.39 2.12
N TRP A 460 17.89 13.54 1.68
CA TRP A 460 18.06 14.03 0.31
C TRP A 460 19.51 13.93 -0.14
N TRP A 461 20.45 14.43 0.70
CA TRP A 461 21.86 14.54 0.31
C TRP A 461 22.64 13.23 0.49
N GLU A 462 22.25 12.43 1.51
CA GLU A 462 22.69 11.05 1.62
C GLU A 462 22.32 10.28 0.36
N MET A 463 21.03 10.38 0.00
CA MET A 463 20.50 9.65 -1.14
C MET A 463 21.18 10.09 -2.45
N LYS A 464 21.38 11.42 -2.61
CA LYS A 464 22.17 12.00 -3.71
C LYS A 464 23.57 11.40 -3.77
N ARG A 465 24.24 11.30 -2.61
CA ARG A 465 25.63 10.84 -2.57
C ARG A 465 25.72 9.35 -2.94
N GLU A 466 24.87 8.55 -2.29
CA GLU A 466 24.88 7.10 -2.45
C GLU A 466 24.46 6.75 -3.87
N ILE A 467 23.27 7.22 -4.29
CA ILE A 467 22.65 6.79 -5.55
C ILE A 467 23.27 7.55 -6.72
N VAL A 468 23.25 8.91 -6.66
CA VAL A 468 23.57 9.75 -7.82
C VAL A 468 25.08 10.00 -7.94
N GLY A 469 25.83 9.96 -6.83
CA GLY A 469 27.26 10.21 -6.87
C GLY A 469 27.55 11.70 -7.01
N VAL A 470 26.77 12.49 -6.24
CA VAL A 470 26.63 13.92 -6.43
C VAL A 470 26.47 14.56 -5.03
N VAL A 471 27.47 15.38 -4.69
CA VAL A 471 27.53 15.97 -3.33
C VAL A 471 27.22 17.46 -3.35
N GLU A 472 26.52 17.93 -2.34
CA GLU A 472 26.25 19.38 -2.22
C GLU A 472 27.58 20.08 -1.96
N PRO A 473 27.81 21.29 -2.48
CA PRO A 473 29.03 22.03 -2.19
C PRO A 473 28.95 22.77 -0.85
N VAL A 474 27.76 22.90 -0.28
CA VAL A 474 27.59 23.67 0.98
C VAL A 474 26.56 22.95 1.86
N PRO A 475 26.80 22.82 3.17
CA PRO A 475 25.89 22.11 4.06
C PRO A 475 24.50 22.77 4.10
N HIS A 476 23.44 21.98 3.92
CA HIS A 476 22.07 22.54 3.88
C HIS A 476 21.25 21.93 5.02
N ASP A 477 20.60 22.79 5.81
CA ASP A 477 19.84 22.32 6.98
C ASP A 477 18.38 22.04 6.59
N GLU A 478 17.53 21.81 7.59
CA GLU A 478 16.09 21.53 7.34
C GLU A 478 15.36 22.85 7.15
N THR A 479 16.09 23.91 6.82
CA THR A 479 15.45 25.20 6.49
C THR A 479 15.28 25.19 4.97
N TYR A 480 15.95 24.25 4.31
CA TYR A 480 15.93 24.16 2.82
C TYR A 480 14.89 23.15 2.32
N CYS A 481 14.43 23.31 1.07
CA CYS A 481 13.55 22.30 0.41
C CYS A 481 14.11 22.18 -1.00
N ASP A 482 15.31 21.63 -1.11
CA ASP A 482 16.02 21.60 -2.39
C ASP A 482 15.30 20.76 -3.44
N PRO A 483 14.69 19.60 -3.10
CA PRO A 483 13.71 18.93 -3.97
C PRO A 483 12.75 19.88 -4.69
N ALA A 484 12.04 20.72 -3.95
CA ALA A 484 11.01 21.57 -4.50
C ALA A 484 11.59 22.70 -5.37
N SER A 485 12.92 22.89 -5.34
CA SER A 485 13.61 23.81 -6.25
C SER A 485 13.59 23.31 -7.71
N LEU A 486 12.96 22.16 -7.98
CA LEU A 486 12.77 21.69 -9.35
C LEU A 486 11.31 21.86 -9.74
N PHE A 487 11.08 22.14 -11.03
CA PHE A 487 9.77 22.53 -11.53
C PHE A 487 8.71 21.54 -11.02
N HIS A 488 8.94 20.23 -11.27
CA HIS A 488 7.94 19.18 -11.12
C HIS A 488 7.57 18.91 -9.66
N VAL A 489 8.50 19.19 -8.73
CA VAL A 489 8.30 18.92 -7.33
C VAL A 489 7.39 19.99 -6.72
N SER A 490 7.70 21.27 -7.06
CA SER A 490 6.89 22.44 -6.66
C SER A 490 5.57 22.54 -7.43
N ASN A 491 5.53 21.94 -8.63
CA ASN A 491 4.34 21.96 -9.46
C ASN A 491 3.59 20.62 -9.47
N ASP A 492 3.88 19.72 -8.52
CA ASP A 492 3.00 18.62 -8.16
C ASP A 492 2.86 17.62 -9.30
N TYR A 493 3.99 17.15 -9.82
CA TYR A 493 3.96 16.23 -10.98
C TYR A 493 4.83 15.01 -10.73
N SER A 494 4.38 13.84 -11.19
CA SER A 494 5.17 12.59 -11.09
C SER A 494 6.47 12.76 -11.87
N PHE A 495 7.51 12.04 -11.49
CA PHE A 495 8.83 12.18 -12.16
C PHE A 495 9.32 10.81 -12.65
N ILE A 496 8.66 9.74 -12.25
CA ILE A 496 9.09 8.36 -12.63
C ILE A 496 8.81 8.17 -14.12
N ARG A 497 7.92 9.00 -14.68
CA ARG A 497 7.57 8.97 -16.11
C ARG A 497 8.83 9.10 -16.97
N TYR A 498 9.87 9.75 -16.45
CA TYR A 498 11.09 10.01 -17.24
C TYR A 498 11.95 8.75 -17.22
N TYR A 499 11.89 7.99 -16.12
CA TYR A 499 12.59 6.72 -16.05
C TYR A 499 11.90 5.70 -16.95
N THR A 500 10.58 5.49 -16.74
CA THR A 500 9.83 4.50 -17.51
C THR A 500 9.91 4.78 -19.00
N ARG A 501 9.61 6.03 -19.45
CA ARG A 501 9.68 6.41 -20.86
C ARG A 501 11.07 6.14 -21.48
N THR A 502 12.12 6.10 -20.65
CA THR A 502 13.47 5.91 -21.12
C THR A 502 13.68 4.45 -21.51
N LEU A 503 13.22 3.52 -20.67
CA LEU A 503 13.31 2.11 -21.01
C LEU A 503 12.37 1.81 -22.16
N TYR A 504 11.11 2.26 -22.04
CA TYR A 504 10.11 2.05 -23.08
C TYR A 504 10.70 2.45 -24.44
N GLN A 505 11.36 3.61 -24.50
CA GLN A 505 11.71 4.21 -25.80
C GLN A 505 12.70 3.29 -26.52
N PHE A 506 13.60 2.65 -25.76
CA PHE A 506 14.63 1.80 -26.36
C PHE A 506 14.04 0.42 -26.66
N GLN A 507 13.07 0.01 -25.84
CA GLN A 507 12.29 -1.18 -26.10
C GLN A 507 11.54 -1.06 -27.43
N PHE A 508 10.89 0.09 -27.62
CA PHE A 508 10.14 0.38 -28.87
C PHE A 508 11.09 0.45 -30.07
N GLN A 509 12.19 1.18 -29.96
CA GLN A 509 13.11 1.39 -31.12
C GLN A 509 13.69 0.05 -31.59
N GLU A 510 14.08 -0.83 -30.67
CA GLU A 510 14.66 -2.14 -31.03
C GLU A 510 13.64 -2.93 -31.83
N ALA A 511 12.38 -2.91 -31.38
CA ALA A 511 11.32 -3.68 -32.05
C ALA A 511 11.04 -3.09 -33.43
N LEU A 512 11.00 -1.77 -33.54
CA LEU A 512 10.68 -1.10 -34.83
C LEU A 512 11.87 -1.23 -35.78
N CYS A 513 13.07 -1.35 -35.24
CA CYS A 513 14.29 -1.46 -36.08
C CYS A 513 14.39 -2.90 -36.58
N GLN A 514 13.84 -3.86 -35.83
CA GLN A 514 13.78 -5.27 -36.33
C GLN A 514 12.67 -5.29 -37.39
N ALA A 515 11.45 -4.91 -37.01
CA ALA A 515 10.38 -4.78 -37.99
C ALA A 515 10.88 -4.15 -39.29
N ALA A 516 11.82 -3.18 -39.19
CA ALA A 516 12.41 -2.49 -40.32
C ALA A 516 13.68 -3.18 -40.83
N LYS A 517 14.16 -4.19 -40.09
CA LYS A 517 15.21 -5.11 -40.55
C LYS A 517 16.55 -4.38 -40.65
N HIS A 518 16.85 -3.53 -39.66
CA HIS A 518 18.09 -2.76 -39.65
C HIS A 518 19.28 -3.69 -39.45
N GLU A 519 20.41 -3.38 -40.12
CA GLU A 519 21.59 -4.22 -40.14
C GLU A 519 22.44 -4.00 -38.88
N GLY A 520 23.09 -2.83 -38.77
CA GLY A 520 24.20 -2.66 -37.85
C GLY A 520 23.77 -2.41 -36.41
N PRO A 521 24.51 -1.57 -35.64
CA PRO A 521 24.10 -1.14 -34.29
C PRO A 521 22.82 -0.30 -34.24
N LEU A 522 22.15 -0.31 -33.10
CA LEU A 522 20.80 0.23 -32.97
C LEU A 522 20.80 1.75 -33.05
N HIS A 523 21.89 2.38 -32.61
CA HIS A 523 21.97 3.83 -32.57
C HIS A 523 22.01 4.40 -34.00
N LYS A 524 22.31 3.56 -34.98
CA LYS A 524 22.39 4.02 -36.39
C LYS A 524 21.10 3.64 -37.12
N CYS A 525 19.99 3.49 -36.40
CA CYS A 525 18.72 3.00 -37.02
C CYS A 525 17.76 4.13 -37.37
N ASP A 526 17.22 4.09 -38.59
CA ASP A 526 16.18 5.06 -39.02
C ASP A 526 15.01 4.23 -39.55
N ILE A 527 13.85 4.29 -38.88
CA ILE A 527 12.66 3.51 -39.31
C ILE A 527 11.99 4.28 -40.43
N SER A 528 12.69 5.24 -41.02
CA SER A 528 12.07 6.16 -42.00
C SER A 528 11.16 5.48 -43.01
N ASN A 529 11.63 4.50 -43.76
CA ASN A 529 10.79 3.99 -44.86
C ASN A 529 10.19 2.60 -44.57
N SER A 530 10.01 2.26 -43.30
CA SER A 530 9.38 0.95 -42.95
C SER A 530 7.91 1.16 -42.62
N THR A 531 7.03 0.75 -43.54
CA THR A 531 5.58 0.81 -43.27
C THR A 531 5.26 -0.29 -42.26
N GLU A 532 6.13 -1.30 -42.19
CA GLU A 532 5.97 -2.39 -41.20
C GLU A 532 6.29 -1.87 -39.81
N ALA A 533 7.20 -0.90 -39.71
CA ALA A 533 7.52 -0.28 -38.42
C ALA A 533 6.36 0.61 -37.98
N GLY A 534 5.83 1.39 -38.92
CA GLY A 534 4.72 2.29 -38.58
C GLY A 534 3.46 1.49 -38.35
N GLN A 535 3.36 0.36 -39.02
CA GLN A 535 2.21 -0.51 -38.83
C GLN A 535 2.17 -1.01 -37.40
N LYS A 536 3.31 -1.53 -36.92
CA LYS A 536 3.46 -2.08 -35.58
C LYS A 536 3.20 -1.01 -34.51
N LEU A 537 3.63 0.22 -34.82
CA LEU A 537 3.55 1.36 -33.92
C LEU A 537 2.12 1.85 -33.85
N PHE A 538 1.50 2.05 -35.01
CA PHE A 538 0.11 2.48 -35.13
C PHE A 538 -0.85 1.56 -34.36
N ASN A 539 -0.61 0.25 -34.33
CA ASN A 539 -1.50 -0.67 -33.63
C ASN A 539 -1.49 -0.47 -32.12
N MET A 540 -0.48 0.26 -31.61
CA MET A 540 -0.41 0.57 -30.19
C MET A 540 -0.92 2.00 -29.93
N LEU A 541 -0.50 2.94 -30.77
CA LEU A 541 -0.98 4.33 -30.74
C LEU A 541 -2.50 4.33 -30.70
N ARG A 542 -3.08 3.50 -31.57
CA ARG A 542 -4.49 3.38 -31.87
C ARG A 542 -5.33 3.01 -30.63
N LEU A 543 -4.73 2.21 -29.74
CA LEU A 543 -5.42 1.67 -28.57
C LEU A 543 -5.74 2.76 -27.56
N GLY A 544 -4.94 3.82 -27.61
CA GLY A 544 -4.95 4.81 -26.55
C GLY A 544 -4.74 4.13 -25.20
N LYS A 545 -5.74 4.28 -24.33
CA LYS A 545 -5.78 3.67 -23.01
C LYS A 545 -6.95 2.68 -22.96
N SER A 546 -7.19 1.92 -24.03
CA SER A 546 -8.32 0.99 -24.04
C SER A 546 -7.88 -0.38 -23.52
N GLU A 547 -6.57 -0.68 -23.66
CA GLU A 547 -5.98 -1.91 -23.16
C GLU A 547 -5.00 -1.58 -22.02
N PRO A 548 -4.66 -2.57 -21.17
CA PRO A 548 -3.62 -2.41 -20.16
C PRO A 548 -2.26 -2.10 -20.78
N TRP A 549 -1.45 -1.29 -20.08
CA TRP A 549 -0.21 -0.79 -20.64
C TRP A 549 0.72 -1.96 -20.95
N THR A 550 0.47 -3.09 -20.27
CA THR A 550 1.27 -4.30 -20.37
C THR A 550 0.99 -5.03 -21.69
N LEU A 551 -0.27 -4.99 -22.15
CA LEU A 551 -0.64 -5.52 -23.47
C LEU A 551 -0.24 -4.55 -24.58
N ALA A 552 -0.56 -3.26 -24.40
CA ALA A 552 -0.08 -2.18 -25.26
C ALA A 552 1.40 -2.35 -25.58
N LEU A 553 2.23 -2.47 -24.52
CA LEU A 553 3.67 -2.65 -24.65
C LEU A 553 3.98 -3.94 -25.40
N GLU A 554 3.29 -5.02 -25.02
CA GLU A 554 3.50 -6.34 -25.61
C GLU A 554 3.20 -6.32 -27.10
N ASN A 555 2.18 -5.55 -27.54
CA ASN A 555 1.88 -5.40 -28.96
C ASN A 555 3.13 -4.98 -29.72
N VAL A 556 3.81 -3.95 -29.22
CA VAL A 556 4.97 -3.41 -29.92
C VAL A 556 6.17 -4.34 -29.75
N VAL A 557 6.47 -4.84 -28.54
CA VAL A 557 7.79 -5.37 -28.23
C VAL A 557 7.82 -6.88 -27.96
N GLY A 558 6.64 -7.53 -27.84
CA GLY A 558 6.56 -8.96 -27.55
C GLY A 558 6.92 -9.29 -26.10
N ALA A 559 6.71 -8.34 -25.18
CA ALA A 559 6.93 -8.53 -23.75
C ALA A 559 6.05 -7.59 -22.94
N LYS A 560 5.73 -7.98 -21.71
CA LYS A 560 4.63 -7.39 -20.97
C LYS A 560 5.12 -6.51 -19.84
N ASN A 561 6.45 -6.25 -19.79
CA ASN A 561 7.03 -5.39 -18.76
C ASN A 561 8.22 -4.65 -19.34
N MET A 562 8.69 -3.65 -18.57
CA MET A 562 9.81 -2.86 -19.02
C MET A 562 11.08 -3.61 -18.69
N ASN A 563 12.14 -3.22 -19.41
CA ASN A 563 13.27 -4.08 -19.66
C ASN A 563 14.39 -3.21 -20.22
N VAL A 564 15.59 -3.46 -19.68
CA VAL A 564 16.73 -2.57 -19.76
C VAL A 564 17.73 -3.09 -20.79
N ARG A 565 17.57 -4.34 -21.27
CA ARG A 565 18.53 -4.87 -22.23
C ARG A 565 18.59 -3.97 -23.47
N PRO A 566 17.45 -3.55 -24.06
CA PRO A 566 17.47 -2.72 -25.26
C PRO A 566 18.23 -1.40 -25.04
N LEU A 567 18.01 -0.71 -23.92
CA LEU A 567 18.76 0.53 -23.61
C LEU A 567 20.26 0.24 -23.48
N LEU A 568 20.62 -0.88 -22.84
CA LEU A 568 22.05 -1.18 -22.59
C LEU A 568 22.71 -1.65 -23.88
N ASN A 569 21.95 -2.24 -24.81
CA ASN A 569 22.49 -2.69 -26.10
C ASN A 569 22.79 -1.48 -26.97
N TYR A 570 22.10 -0.36 -26.70
CA TYR A 570 22.27 0.87 -27.52
C TYR A 570 23.60 1.53 -27.15
N PHE A 571 23.98 1.47 -25.88
CA PHE A 571 25.20 2.17 -25.42
C PHE A 571 26.35 1.18 -25.26
N GLU A 572 26.16 -0.07 -25.67
CA GLU A 572 27.21 -1.10 -25.47
C GLU A 572 28.56 -0.58 -25.99
N PRO A 573 28.67 -0.05 -27.22
CA PRO A 573 29.98 0.35 -27.73
C PRO A 573 30.62 1.44 -26.87
N LEU A 574 29.78 2.29 -26.27
CA LEU A 574 30.28 3.34 -25.40
C LEU A 574 30.71 2.71 -24.08
N PHE A 575 29.90 1.75 -23.60
CA PHE A 575 30.16 1.10 -22.33
C PHE A 575 31.53 0.41 -22.38
N THR A 576 31.83 -0.28 -23.48
CA THR A 576 33.12 -0.97 -23.59
C THR A 576 34.23 0.08 -23.81
N TRP A 577 33.90 1.24 -24.39
CA TRP A 577 34.86 2.33 -24.56
C TRP A 577 35.19 2.98 -23.22
N LEU A 578 34.17 3.31 -22.40
CA LEU A 578 34.38 3.88 -21.08
C LEU A 578 35.26 2.97 -20.20
N LYS A 579 35.13 1.64 -20.35
CA LYS A 579 35.85 0.73 -19.50
C LYS A 579 37.33 0.73 -19.88
N ASP A 580 37.63 0.73 -21.19
CA ASP A 580 39.00 0.80 -21.70
C ASP A 580 39.64 2.14 -21.32
N GLN A 581 38.84 3.20 -21.31
CA GLN A 581 39.32 4.53 -20.97
C GLN A 581 39.64 4.66 -19.48
N ASN A 582 38.74 4.16 -18.62
CA ASN A 582 38.77 4.50 -17.20
C ASN A 582 39.75 3.61 -16.44
N LYS A 583 40.54 2.78 -17.16
CA LYS A 583 41.32 1.75 -16.49
C LYS A 583 42.49 2.32 -15.68
N ASN A 584 42.84 3.61 -15.87
CA ASN A 584 43.83 4.27 -15.02
C ASN A 584 43.19 5.33 -14.12
N SER A 585 41.85 5.38 -14.05
CA SER A 585 41.12 6.28 -13.17
C SER A 585 40.39 5.47 -12.11
N PHE A 586 39.81 6.16 -11.12
CA PHE A 586 39.06 5.51 -10.07
C PHE A 586 37.58 5.43 -10.46
N VAL A 587 37.06 4.20 -10.56
CA VAL A 587 35.64 3.91 -10.74
C VAL A 587 34.99 3.68 -9.37
N GLY A 588 33.94 4.46 -9.05
CA GLY A 588 33.30 4.39 -7.76
C GLY A 588 33.38 5.74 -7.05
N TRP A 589 32.62 5.96 -5.96
CA TRP A 589 32.73 7.20 -5.24
C TRP A 589 32.58 7.04 -3.74
N SER A 590 33.52 7.67 -3.02
CA SER A 590 33.31 8.03 -1.62
C SER A 590 31.96 8.72 -1.54
N THR A 591 31.12 8.27 -0.60
CA THR A 591 29.89 8.99 -0.36
C THR A 591 30.12 10.04 0.71
N ASP A 592 31.36 10.18 1.23
CA ASP A 592 31.59 11.09 2.34
C ASP A 592 32.40 12.31 1.91
N TRP A 593 33.25 12.13 0.90
CA TRP A 593 33.99 13.31 0.41
C TRP A 593 33.05 14.39 -0.09
N SER A 594 33.15 15.58 0.46
CA SER A 594 32.48 16.76 -0.03
C SER A 594 33.49 17.90 -0.23
N PRO A 595 33.17 18.92 -1.05
CA PRO A 595 34.06 20.07 -1.23
C PRO A 595 34.18 20.94 0.03
N TYR A 596 33.27 20.79 0.99
CA TYR A 596 33.34 21.56 2.25
C TYR A 596 33.89 20.67 3.38
N ALA A 597 34.62 19.62 3.02
CA ALA A 597 35.22 18.71 4.01
C ALA A 597 36.39 19.41 4.71
N THR B 3 -28.14 21.12 1.14
CA THR B 3 -26.90 20.34 1.41
C THR B 3 -27.20 18.88 1.12
N ILE B 4 -26.14 18.13 0.80
CA ILE B 4 -26.19 16.68 0.72
C ILE B 4 -26.19 16.10 2.14
N GLU B 5 -25.61 16.84 3.11
CA GLU B 5 -25.50 16.38 4.49
C GLU B 5 -26.88 16.24 5.14
N GLU B 6 -27.87 16.99 4.65
CA GLU B 6 -29.26 16.85 5.11
C GLU B 6 -29.88 15.61 4.48
N GLN B 7 -29.60 15.40 3.19
CA GLN B 7 -30.09 14.24 2.44
C GLN B 7 -29.31 12.99 2.85
N ALA B 8 -28.25 13.20 3.65
CA ALA B 8 -27.38 12.15 4.15
C ALA B 8 -27.77 11.76 5.58
N LYS B 9 -28.06 12.73 6.45
CA LYS B 9 -28.68 12.41 7.71
C LYS B 9 -30.00 11.66 7.48
N THR B 10 -30.77 12.05 6.46
CA THR B 10 -32.04 11.41 6.11
C THR B 10 -31.81 9.96 5.72
N PHE B 11 -30.78 9.74 4.89
CA PHE B 11 -30.46 8.41 4.39
C PHE B 11 -30.11 7.48 5.56
N LEU B 12 -29.48 8.05 6.61
CA LEU B 12 -29.00 7.29 7.76
C LEU B 12 -30.09 7.11 8.81
N ASP B 13 -31.07 8.02 8.84
CA ASP B 13 -32.27 7.85 9.65
C ASP B 13 -33.08 6.67 9.08
N LYS B 14 -33.38 6.75 7.77
CA LYS B 14 -34.17 5.79 7.03
C LYS B 14 -33.53 4.40 7.09
N PHE B 15 -32.20 4.36 7.09
CA PHE B 15 -31.44 3.12 7.09
C PHE B 15 -31.45 2.49 8.49
N ASN B 16 -31.21 3.33 9.52
CA ASN B 16 -30.95 2.81 10.85
C ASN B 16 -32.14 2.02 11.35
N HIS B 17 -33.36 2.48 11.04
CA HIS B 17 -34.57 1.83 11.55
C HIS B 17 -34.84 0.54 10.77
N GLU B 18 -34.42 0.48 9.51
CA GLU B 18 -34.74 -0.63 8.61
C GLU B 18 -33.68 -1.72 8.68
N ALA B 19 -32.47 -1.36 9.13
CA ALA B 19 -31.41 -2.32 9.36
C ALA B 19 -31.66 -3.04 10.68
N GLU B 20 -32.24 -2.30 11.64
CA GLU B 20 -32.63 -2.85 12.94
C GLU B 20 -33.42 -4.14 12.73
N ASP B 21 -34.50 -4.05 11.95
CA ASP B 21 -35.54 -5.07 11.89
C ASP B 21 -35.23 -6.11 10.80
N LEU B 22 -34.06 -5.97 10.16
CA LEU B 22 -33.53 -7.00 9.28
C LEU B 22 -32.29 -7.64 9.90
N PHE B 23 -31.63 -6.92 10.80
CA PHE B 23 -30.46 -7.40 11.51
C PHE B 23 -30.90 -8.18 12.74
N TYR B 24 -32.00 -7.75 13.37
CA TYR B 24 -32.62 -8.55 14.42
C TYR B 24 -33.26 -9.80 13.82
N GLN B 25 -34.09 -9.66 12.78
CA GLN B 25 -34.67 -10.82 12.12
C GLN B 25 -33.56 -11.80 11.78
N SER B 26 -32.43 -11.26 11.32
CA SER B 26 -31.27 -12.06 10.92
C SER B 26 -30.63 -12.70 12.14
N SER B 27 -30.34 -11.88 13.16
CA SER B 27 -29.53 -12.33 14.28
C SER B 27 -30.37 -13.15 15.27
N LEU B 28 -31.64 -13.41 14.94
CA LEU B 28 -32.52 -14.30 15.70
C LEU B 28 -32.67 -15.65 15.00
N ALA B 29 -32.66 -15.66 13.65
CA ALA B 29 -32.62 -16.90 12.89
C ALA B 29 -31.25 -17.58 13.02
N SER B 30 -30.23 -16.80 13.41
CA SER B 30 -28.90 -17.31 13.68
C SER B 30 -28.83 -17.91 15.09
N TRP B 31 -29.61 -17.34 16.02
CA TRP B 31 -29.67 -17.83 17.40
C TRP B 31 -30.38 -19.18 17.49
N ASN B 32 -31.49 -19.30 16.75
CA ASN B 32 -32.34 -20.47 16.81
C ASN B 32 -31.65 -21.68 16.15
N TYR B 33 -30.70 -21.44 15.24
CA TYR B 33 -29.91 -22.51 14.64
C TYR B 33 -28.71 -22.84 15.52
N ASN B 34 -28.10 -21.82 16.14
CA ASN B 34 -27.00 -22.06 17.05
C ASN B 34 -27.49 -22.73 18.33
N THR B 35 -28.79 -22.62 18.63
CA THR B 35 -29.37 -23.28 19.79
C THR B 35 -29.94 -24.65 19.41
N ASN B 36 -30.30 -24.85 18.13
CA ASN B 36 -31.10 -26.00 17.74
C ASN B 36 -30.94 -26.31 16.25
N ILE B 37 -29.76 -26.85 15.89
CA ILE B 37 -29.47 -27.24 14.51
C ILE B 37 -30.56 -28.18 14.03
N THR B 38 -31.51 -27.66 13.28
CA THR B 38 -32.51 -28.48 12.61
C THR B 38 -32.08 -28.62 11.15
N GLU B 39 -33.04 -28.92 10.28
CA GLU B 39 -32.94 -28.62 8.86
C GLU B 39 -33.55 -27.23 8.61
N GLU B 40 -34.49 -26.84 9.48
CA GLU B 40 -35.40 -25.74 9.22
C GLU B 40 -34.76 -24.39 9.53
N ASN B 41 -33.84 -24.34 10.50
CA ASN B 41 -33.19 -23.08 10.87
C ASN B 41 -32.03 -22.78 9.93
N VAL B 42 -31.73 -23.72 9.01
CA VAL B 42 -31.00 -23.40 7.79
C VAL B 42 -31.87 -22.53 6.89
N GLN B 43 -33.14 -22.95 6.73
CA GLN B 43 -34.15 -22.24 5.96
C GLN B 43 -34.20 -20.77 6.40
N ASN B 44 -34.44 -20.54 7.71
CA ASN B 44 -34.84 -19.23 8.23
C ASN B 44 -33.64 -18.31 8.43
N MET B 45 -32.43 -18.89 8.43
CA MET B 45 -31.19 -18.15 8.62
C MET B 45 -30.61 -17.73 7.27
N ASN B 46 -30.93 -18.45 6.19
CA ASN B 46 -30.49 -18.07 4.85
C ASN B 46 -31.50 -17.11 4.19
N ASN B 47 -32.73 -17.07 4.73
CA ASN B 47 -33.72 -16.09 4.31
C ASN B 47 -33.44 -14.77 5.03
N ALA B 48 -33.28 -14.83 6.36
CA ALA B 48 -32.95 -13.66 7.18
C ALA B 48 -31.53 -13.15 6.91
N GLY B 49 -30.69 -14.00 6.31
CA GLY B 49 -29.39 -13.60 5.79
C GLY B 49 -29.48 -12.82 4.48
N ASP B 50 -30.21 -13.36 3.50
CA ASP B 50 -30.33 -12.76 2.17
C ASP B 50 -31.17 -11.47 2.23
N LYS B 51 -32.12 -11.38 3.18
CA LYS B 51 -32.76 -10.10 3.50
C LYS B 51 -31.67 -9.03 3.65
N TRP B 52 -30.73 -9.34 4.54
CA TRP B 52 -29.69 -8.43 4.98
C TRP B 52 -28.68 -8.15 3.88
N SER B 53 -28.44 -9.13 3.00
CA SER B 53 -27.42 -9.04 1.96
C SER B 53 -27.81 -8.01 0.91
N ALA B 54 -28.91 -8.28 0.18
CA ALA B 54 -29.31 -7.44 -0.94
C ALA B 54 -29.72 -6.05 -0.44
N PHE B 55 -30.19 -5.96 0.81
CA PHE B 55 -30.50 -4.68 1.45
C PHE B 55 -29.24 -3.86 1.68
N LEU B 56 -28.28 -4.45 2.39
CA LEU B 56 -27.00 -3.81 2.64
C LEU B 56 -26.38 -3.35 1.32
N LYS B 57 -26.69 -4.07 0.23
CA LYS B 57 -25.95 -3.95 -1.01
C LYS B 57 -26.66 -3.04 -2.01
N GLU B 58 -27.86 -2.55 -1.69
CA GLU B 58 -28.44 -1.45 -2.43
C GLU B 58 -28.27 -0.16 -1.63
N GLN B 59 -27.92 -0.28 -0.37
CA GLN B 59 -27.70 0.93 0.49
C GLN B 59 -26.28 1.45 0.24
N SER B 60 -25.33 0.56 -0.03
CA SER B 60 -23.94 0.97 -0.34
C SER B 60 -23.95 1.80 -1.62
N THR B 61 -24.69 1.34 -2.63
CA THR B 61 -24.81 2.10 -3.90
C THR B 61 -25.51 3.42 -3.60
N LEU B 62 -26.58 3.39 -2.81
CA LEU B 62 -27.31 4.61 -2.52
C LEU B 62 -26.49 5.55 -1.64
N ALA B 63 -25.43 5.04 -1.00
CA ALA B 63 -24.62 5.82 -0.08
C ALA B 63 -23.48 6.52 -0.81
N GLN B 64 -23.24 6.10 -2.07
CA GLN B 64 -22.28 6.76 -2.95
C GLN B 64 -22.78 8.15 -3.37
N MET B 65 -24.10 8.40 -3.33
CA MET B 65 -24.72 9.65 -3.74
C MET B 65 -24.28 10.83 -2.86
N TYR B 66 -23.75 10.54 -1.67
CA TYR B 66 -23.32 11.57 -0.72
C TYR B 66 -21.80 11.54 -0.60
N PRO B 67 -21.03 12.18 -1.54
CA PRO B 67 -19.58 12.27 -1.43
C PRO B 67 -19.14 12.85 -0.08
N LEU B 68 -18.14 12.20 0.52
CA LEU B 68 -17.71 12.48 1.87
C LEU B 68 -17.05 13.87 1.96
N GLN B 69 -16.59 14.41 0.83
CA GLN B 69 -16.10 15.78 0.80
C GLN B 69 -17.11 16.72 1.46
N GLU B 70 -18.37 16.61 1.01
CA GLU B 70 -19.41 17.59 1.29
C GLU B 70 -20.03 17.35 2.66
N ILE B 71 -19.65 16.24 3.31
CA ILE B 71 -20.04 15.97 4.68
C ILE B 71 -19.14 16.78 5.60
N GLN B 72 -19.70 17.19 6.74
CA GLN B 72 -19.08 18.11 7.68
C GLN B 72 -19.03 17.49 9.07
N ASN B 73 -20.12 16.84 9.50
CA ASN B 73 -20.11 16.12 10.81
C ASN B 73 -19.35 14.81 10.62
N LEU B 74 -18.55 14.39 11.61
CA LEU B 74 -17.71 13.18 11.43
C LEU B 74 -18.57 11.93 11.62
N THR B 75 -19.43 11.94 12.64
CA THR B 75 -20.29 10.76 12.91
C THR B 75 -20.93 10.32 11.60
N VAL B 76 -21.70 11.21 10.98
CA VAL B 76 -22.34 10.85 9.73
C VAL B 76 -21.30 10.29 8.76
N LYS B 77 -20.08 10.85 8.76
CA LYS B 77 -19.06 10.49 7.78
C LYS B 77 -18.66 9.03 7.97
N LEU B 78 -18.33 8.68 9.22
CA LEU B 78 -17.93 7.33 9.60
C LEU B 78 -18.97 6.33 9.11
N GLN B 79 -20.24 6.71 9.25
CA GLN B 79 -21.37 5.89 8.85
C GLN B 79 -21.46 5.81 7.33
N LEU B 80 -21.10 6.89 6.66
CA LEU B 80 -21.15 6.89 5.18
C LEU B 80 -19.96 6.08 4.67
N GLN B 81 -18.79 6.26 5.27
CA GLN B 81 -17.62 5.44 4.88
C GLN B 81 -17.97 3.97 5.10
N ALA B 82 -18.63 3.67 6.22
CA ALA B 82 -18.96 2.27 6.56
C ALA B 82 -19.84 1.65 5.47
N LEU B 83 -20.81 2.40 4.99
CA LEU B 83 -21.77 1.84 4.01
C LEU B 83 -21.18 1.89 2.61
N GLN B 84 -20.58 3.03 2.24
CA GLN B 84 -20.07 3.18 0.86
C GLN B 84 -19.13 2.03 0.53
N GLN B 85 -18.12 1.82 1.37
CA GLN B 85 -17.10 0.80 1.07
C GLN B 85 -17.65 -0.60 1.33
N ASN B 86 -17.72 -0.99 2.60
CA ASN B 86 -18.14 -2.36 2.98
C ASN B 86 -19.21 -2.96 2.05
N GLY B 87 -20.48 -2.61 2.23
CA GLY B 87 -21.57 -3.27 1.49
C GLY B 87 -21.50 -3.19 -0.03
N SER B 88 -20.31 -3.30 -0.63
CA SER B 88 -20.21 -3.13 -2.10
C SER B 88 -19.31 -4.21 -2.71
N SER B 89 -19.90 -5.24 -3.35
CA SER B 89 -19.08 -6.27 -4.05
C SER B 89 -18.22 -5.57 -5.10
N VAL B 90 -17.10 -6.17 -5.51
CA VAL B 90 -16.21 -5.43 -6.37
C VAL B 90 -15.77 -6.28 -7.57
N LEU B 91 -15.66 -7.60 -7.37
CA LEU B 91 -15.33 -8.56 -8.40
C LEU B 91 -16.51 -8.75 -9.38
N SER B 92 -16.21 -9.26 -10.57
CA SER B 92 -17.23 -9.72 -11.52
C SER B 92 -18.07 -10.85 -10.92
N GLU B 93 -19.19 -11.13 -11.60
CA GLU B 93 -20.12 -12.18 -11.20
C GLU B 93 -19.45 -13.56 -11.18
N ASP B 94 -18.76 -13.92 -12.25
CA ASP B 94 -18.14 -15.27 -12.34
C ASP B 94 -17.09 -15.42 -11.24
N LYS B 95 -16.30 -14.37 -10.99
CA LYS B 95 -15.20 -14.44 -10.00
C LYS B 95 -15.77 -14.41 -8.57
N SER B 96 -16.69 -13.50 -8.30
CA SER B 96 -17.34 -13.46 -6.97
C SER B 96 -17.84 -14.87 -6.62
N LYS B 97 -18.52 -15.52 -7.55
CA LYS B 97 -19.08 -16.84 -7.31
C LYS B 97 -17.94 -17.81 -7.00
N ARG B 98 -16.87 -17.76 -7.80
CA ARG B 98 -15.75 -18.68 -7.69
C ARG B 98 -15.09 -18.59 -6.31
N LEU B 99 -14.99 -17.36 -5.75
CA LEU B 99 -14.33 -17.12 -4.48
C LEU B 99 -15.24 -17.56 -3.33
N ASN B 100 -16.56 -17.39 -3.49
CA ASN B 100 -17.50 -17.92 -2.52
C ASN B 100 -17.48 -19.45 -2.49
N THR B 101 -17.36 -20.08 -3.66
CA THR B 101 -17.14 -21.52 -3.70
C THR B 101 -15.89 -21.88 -2.92
N ILE B 102 -14.79 -21.14 -3.17
CA ILE B 102 -13.49 -21.43 -2.59
C ILE B 102 -13.52 -21.25 -1.07
N LEU B 103 -14.21 -20.24 -0.55
CA LEU B 103 -14.32 -20.06 0.89
C LEU B 103 -15.07 -21.23 1.54
N ASN B 104 -16.24 -21.54 1.00
CA ASN B 104 -17.06 -22.60 1.55
C ASN B 104 -16.32 -23.95 1.46
N THR B 105 -15.65 -24.21 0.33
CA THR B 105 -14.93 -25.47 0.18
C THR B 105 -13.82 -25.54 1.23
N MET B 106 -13.04 -24.46 1.34
CA MET B 106 -11.95 -24.45 2.31
C MET B 106 -12.51 -24.68 3.73
N SER B 107 -13.59 -23.97 4.09
CA SER B 107 -14.19 -24.10 5.41
C SER B 107 -14.64 -25.54 5.67
N THR B 108 -15.27 -26.12 4.64
CA THR B 108 -15.85 -27.46 4.65
C THR B 108 -14.77 -28.52 4.90
N ILE B 109 -13.68 -28.52 4.11
CA ILE B 109 -12.70 -29.59 4.25
C ILE B 109 -11.93 -29.43 5.56
N TYR B 110 -11.89 -28.24 6.14
CA TYR B 110 -11.34 -28.10 7.48
C TYR B 110 -12.22 -28.84 8.50
N SER B 111 -13.54 -28.66 8.40
CA SER B 111 -14.44 -29.07 9.45
C SER B 111 -14.84 -30.55 9.33
N THR B 112 -14.60 -31.17 8.18
CA THR B 112 -14.94 -32.57 7.95
C THR B 112 -13.70 -33.42 7.75
N GLY B 113 -12.53 -32.77 7.64
CA GLY B 113 -11.30 -33.49 7.42
C GLY B 113 -11.13 -34.60 8.47
N LYS B 114 -10.77 -35.80 7.97
CA LYS B 114 -10.53 -36.99 8.78
C LYS B 114 -9.21 -37.65 8.37
N VAL B 115 -8.41 -38.03 9.36
CA VAL B 115 -7.14 -38.71 9.12
C VAL B 115 -7.26 -40.12 9.67
N CYS B 116 -6.60 -41.09 9.02
CA CYS B 116 -6.76 -42.51 9.45
C CYS B 116 -5.40 -43.09 9.86
N ASN B 117 -5.41 -43.99 10.85
CA ASN B 117 -4.14 -44.57 11.37
C ASN B 117 -3.64 -45.69 10.46
N PRO B 118 -2.39 -45.64 9.96
CA PRO B 118 -1.82 -46.74 9.19
C PRO B 118 -1.71 -47.94 10.14
N ASP B 119 -1.74 -47.68 11.45
CA ASP B 119 -1.75 -48.80 12.43
C ASP B 119 -3.17 -49.36 12.48
N ASN B 120 -4.12 -48.50 12.83
CA ASN B 120 -5.54 -48.93 12.85
C ASN B 120 -6.22 -48.24 11.67
N PRO B 121 -6.21 -48.84 10.46
CA PRO B 121 -6.89 -48.26 9.31
C PRO B 121 -8.35 -47.96 9.67
N GLN B 122 -8.83 -48.54 10.76
CA GLN B 122 -10.22 -48.27 11.23
C GLN B 122 -10.21 -46.97 12.03
N GLU B 123 -9.07 -46.62 12.63
CA GLU B 123 -8.96 -45.39 13.44
C GLU B 123 -8.95 -44.15 12.53
N CYS B 124 -10.12 -43.57 12.27
CA CYS B 124 -10.20 -42.31 11.47
C CYS B 124 -10.70 -41.21 12.40
N LEU B 125 -10.02 -40.06 12.44
CA LEU B 125 -10.29 -39.04 13.44
C LEU B 125 -10.56 -37.68 12.77
N LEU B 126 -11.51 -36.94 13.34
CA LEU B 126 -11.79 -35.56 13.00
C LEU B 126 -10.91 -34.71 13.91
N LEU B 127 -10.53 -33.51 13.44
CA LEU B 127 -9.78 -32.59 14.26
C LEU B 127 -10.47 -32.42 15.60
N GLU B 128 -11.77 -32.08 15.60
CA GLU B 128 -12.57 -32.15 16.81
C GLU B 128 -13.48 -33.38 16.72
N PRO B 129 -13.41 -34.33 17.68
CA PRO B 129 -12.58 -34.21 18.89
C PRO B 129 -11.27 -34.98 18.86
N GLY B 130 -11.07 -35.75 17.78
CA GLY B 130 -10.11 -36.83 17.75
C GLY B 130 -8.67 -36.36 17.97
N LEU B 131 -8.16 -35.63 16.96
CA LEU B 131 -6.79 -35.15 16.86
C LEU B 131 -6.48 -34.11 17.95
N ASN B 132 -7.43 -33.22 18.27
CA ASN B 132 -7.19 -32.24 19.32
C ASN B 132 -6.88 -32.89 20.66
N GLU B 133 -7.50 -34.05 20.97
CA GLU B 133 -7.32 -34.69 22.27
C GLU B 133 -5.92 -35.30 22.30
N ILE B 134 -5.48 -35.94 21.19
CA ILE B 134 -4.11 -36.44 21.06
C ILE B 134 -3.13 -35.29 21.28
N MET B 135 -3.25 -34.23 20.45
CA MET B 135 -2.33 -33.10 20.43
C MET B 135 -2.36 -32.33 21.76
N ALA B 136 -3.46 -32.47 22.53
CA ALA B 136 -3.51 -31.90 23.87
C ALA B 136 -2.88 -32.82 24.92
N ASN B 137 -3.04 -34.15 24.79
CA ASN B 137 -2.90 -35.04 25.95
C ASN B 137 -1.79 -36.09 25.81
N SER B 138 -1.46 -36.51 24.59
CA SER B 138 -0.49 -37.56 24.36
C SER B 138 0.88 -37.15 24.89
N LEU B 139 1.70 -38.19 25.16
CA LEU B 139 3.08 -38.07 25.62
C LEU B 139 4.00 -38.92 24.73
N ASP B 140 3.50 -39.26 23.53
CA ASP B 140 4.18 -40.17 22.61
C ASP B 140 4.58 -39.40 21.36
N TYR B 141 5.89 -39.34 21.10
CA TYR B 141 6.43 -38.66 19.94
C TYR B 141 5.67 -39.07 18.68
N ASN B 142 5.27 -40.36 18.59
CA ASN B 142 4.73 -40.91 17.35
C ASN B 142 3.21 -40.72 17.24
N GLU B 143 2.44 -41.07 18.27
CA GLU B 143 1.02 -40.72 18.30
C GLU B 143 0.85 -39.26 17.83
N ARG B 144 1.61 -38.35 18.47
CA ARG B 144 1.50 -36.91 18.30
C ARG B 144 1.95 -36.50 16.89
N LEU B 145 3.01 -37.17 16.39
CA LEU B 145 3.59 -36.90 15.08
C LEU B 145 2.58 -37.28 14.02
N TRP B 146 2.16 -38.54 14.02
CA TRP B 146 1.18 -39.06 13.08
C TRP B 146 -0.05 -38.14 13.04
N ALA B 147 -0.56 -37.72 14.19
CA ALA B 147 -1.68 -36.79 14.20
C ALA B 147 -1.35 -35.46 13.51
N TRP B 148 -0.20 -34.88 13.87
CA TRP B 148 0.24 -33.59 13.36
C TRP B 148 0.53 -33.69 11.87
N GLU B 149 1.25 -34.75 11.48
CA GLU B 149 1.65 -34.91 10.09
C GLU B 149 0.47 -35.26 9.19
N SER B 150 -0.48 -36.09 9.68
CA SER B 150 -1.60 -36.59 8.89
C SER B 150 -2.53 -35.46 8.48
N TRP B 151 -2.81 -34.56 9.45
CA TRP B 151 -3.65 -33.39 9.25
C TRP B 151 -3.10 -32.51 8.12
N ARG B 152 -1.80 -32.24 8.15
CA ARG B 152 -1.19 -31.30 7.22
C ARG B 152 -1.00 -31.95 5.85
N SER B 153 -0.80 -33.27 5.83
CA SER B 153 -0.56 -33.97 4.56
C SER B 153 -1.87 -34.48 3.96
N GLU B 154 -3.00 -34.38 4.68
CA GLU B 154 -4.24 -34.87 4.13
C GLU B 154 -5.17 -33.70 3.86
N VAL B 155 -5.54 -32.90 4.87
CA VAL B 155 -6.44 -31.78 4.58
C VAL B 155 -5.62 -30.59 4.04
N GLY B 156 -4.42 -30.35 4.57
CA GLY B 156 -3.59 -29.22 4.17
C GLY B 156 -3.19 -29.24 2.70
N LYS B 157 -2.93 -30.43 2.13
CA LYS B 157 -2.50 -30.54 0.75
C LYS B 157 -3.67 -30.30 -0.21
N GLN B 158 -4.90 -30.56 0.26
CA GLN B 158 -6.12 -30.37 -0.52
C GLN B 158 -6.50 -28.90 -0.55
N LEU B 159 -6.12 -28.20 0.53
CA LEU B 159 -6.33 -26.77 0.66
C LEU B 159 -5.28 -26.00 -0.13
N ARG B 160 -4.19 -26.63 -0.58
CA ARG B 160 -3.14 -25.84 -1.20
C ARG B 160 -3.68 -25.14 -2.45
N PRO B 161 -4.30 -25.85 -3.42
CA PRO B 161 -4.84 -25.20 -4.63
C PRO B 161 -5.92 -24.14 -4.42
N LEU B 162 -6.82 -24.37 -3.47
CA LEU B 162 -7.88 -23.41 -3.17
C LEU B 162 -7.26 -22.12 -2.65
N TYR B 163 -6.18 -22.25 -1.84
CA TYR B 163 -5.59 -21.10 -1.16
C TYR B 163 -4.87 -20.20 -2.17
N GLU B 164 -4.01 -20.80 -3.01
CA GLU B 164 -3.39 -20.12 -4.14
C GLU B 164 -4.40 -19.23 -4.87
N GLU B 165 -5.54 -19.80 -5.26
CA GLU B 165 -6.58 -19.08 -5.99
C GLU B 165 -7.28 -18.08 -5.06
N TYR B 166 -7.43 -18.41 -3.78
CA TYR B 166 -8.05 -17.50 -2.82
C TYR B 166 -7.29 -16.18 -2.75
N VAL B 167 -5.96 -16.25 -2.80
CA VAL B 167 -5.09 -15.09 -2.63
C VAL B 167 -5.25 -14.13 -3.82
N VAL B 168 -5.27 -14.69 -5.03
CA VAL B 168 -5.43 -13.94 -6.26
C VAL B 168 -6.77 -13.19 -6.29
N LEU B 169 -7.86 -13.94 -6.07
CA LEU B 169 -9.18 -13.34 -6.10
C LEU B 169 -9.30 -12.30 -4.99
N LYS B 170 -8.66 -12.58 -3.84
CA LYS B 170 -8.79 -11.73 -2.68
C LYS B 170 -7.94 -10.48 -2.87
N ASN B 171 -6.81 -10.63 -3.56
CA ASN B 171 -5.95 -9.45 -3.85
C ASN B 171 -6.69 -8.50 -4.80
N GLU B 172 -7.42 -9.03 -5.78
CA GLU B 172 -8.12 -8.19 -6.79
C GLU B 172 -9.24 -7.36 -6.13
N MET B 173 -10.04 -8.01 -5.29
CA MET B 173 -11.15 -7.29 -4.62
C MET B 173 -10.56 -6.15 -3.80
N ALA B 174 -9.39 -6.38 -3.22
CA ALA B 174 -8.77 -5.36 -2.37
C ALA B 174 -8.25 -4.20 -3.22
N ARG B 175 -7.37 -4.52 -4.20
CA ARG B 175 -6.81 -3.57 -5.16
C ARG B 175 -7.86 -2.77 -5.95
N ALA B 176 -9.04 -3.36 -6.16
CA ALA B 176 -10.17 -2.68 -6.81
C ALA B 176 -10.75 -1.58 -5.93
N ASN B 177 -10.57 -1.69 -4.61
CA ASN B 177 -10.91 -0.64 -3.66
C ASN B 177 -9.68 0.23 -3.35
N HIS B 178 -8.69 0.17 -4.25
CA HIS B 178 -7.47 1.03 -4.16
C HIS B 178 -6.53 0.57 -3.05
N TYR B 179 -6.81 -0.56 -2.41
CA TYR B 179 -5.87 -1.10 -1.40
C TYR B 179 -4.71 -1.75 -2.17
N GLU B 180 -3.55 -1.92 -1.55
CA GLU B 180 -2.35 -2.43 -2.25
C GLU B 180 -2.45 -3.95 -2.42
N ASP B 181 -3.26 -4.61 -1.62
CA ASP B 181 -3.36 -6.06 -1.58
C ASP B 181 -4.32 -6.36 -0.44
N TYR B 182 -4.61 -7.66 -0.25
CA TYR B 182 -5.59 -8.08 0.73
C TYR B 182 -5.10 -7.86 2.16
N GLY B 183 -3.79 -8.11 2.36
CA GLY B 183 -3.11 -7.92 3.64
C GLY B 183 -3.24 -6.48 4.12
N ASP B 184 -3.02 -5.54 3.20
CA ASP B 184 -3.21 -4.12 3.44
C ASP B 184 -4.69 -3.81 3.74
N TYR B 185 -5.60 -4.42 2.98
CA TYR B 185 -7.02 -4.27 3.25
C TYR B 185 -7.35 -4.60 4.72
N TRP B 186 -6.84 -5.73 5.22
CA TRP B 186 -7.04 -6.16 6.61
C TRP B 186 -6.48 -5.16 7.62
N ARG B 187 -5.22 -4.73 7.42
CA ARG B 187 -4.60 -3.75 8.30
C ARG B 187 -5.47 -2.50 8.40
N GLY B 188 -6.31 -2.26 7.37
CA GLY B 188 -7.11 -1.05 7.28
C GLY B 188 -8.07 -0.84 8.46
N ASP B 189 -8.24 -1.88 9.30
CA ASP B 189 -9.15 -1.82 10.45
C ASP B 189 -8.56 -0.85 11.48
N TYR B 190 -7.24 -0.70 11.45
CA TYR B 190 -6.54 0.14 12.41
C TYR B 190 -6.28 1.54 11.84
N GLU B 191 -6.77 1.81 10.63
CA GLU B 191 -6.45 3.11 9.97
C GLU B 191 -7.33 4.23 10.48
N VAL B 192 -6.72 5.36 10.85
CA VAL B 192 -7.51 6.57 11.20
C VAL B 192 -6.99 7.67 10.29
N ASN B 193 -7.86 8.22 9.45
CA ASN B 193 -7.45 9.30 8.52
C ASN B 193 -8.33 10.53 8.81
N GLY B 194 -7.72 11.69 8.97
CA GLY B 194 -8.51 12.93 9.15
C GLY B 194 -8.84 13.22 10.61
N VAL B 195 -7.99 12.80 11.55
CA VAL B 195 -8.21 13.17 12.98
C VAL B 195 -6.87 13.63 13.56
N ASP B 196 -6.50 14.88 13.28
CA ASP B 196 -5.19 15.41 13.74
C ASP B 196 -4.91 14.92 15.17
N GLY B 197 -3.78 14.23 15.35
CA GLY B 197 -3.41 13.72 16.68
C GLY B 197 -3.78 12.26 16.87
N TYR B 198 -4.79 11.78 16.13
CA TYR B 198 -5.27 10.39 16.35
C TYR B 198 -5.24 9.61 15.04
N ASP B 199 -4.36 9.99 14.12
CA ASP B 199 -4.32 9.33 12.80
C ASP B 199 -3.34 8.17 12.82
N TYR B 200 -3.79 6.98 12.42
CA TYR B 200 -2.92 5.80 12.34
C TYR B 200 -2.95 5.28 10.92
N SER B 201 -1.77 5.10 10.31
CA SER B 201 -1.76 4.50 8.97
C SER B 201 -1.70 2.98 9.08
N ARG B 202 -2.01 2.33 7.96
CA ARG B 202 -1.98 0.88 7.85
C ARG B 202 -0.54 0.39 7.91
N GLY B 203 0.39 1.25 7.48
CA GLY B 203 1.80 0.92 7.49
C GLY B 203 2.39 1.00 8.89
N GLN B 204 1.75 1.82 9.75
CA GLN B 204 2.19 2.07 11.12
C GLN B 204 2.06 0.78 11.93
N LEU B 205 0.95 0.04 11.73
CA LEU B 205 0.72 -1.25 12.37
C LEU B 205 1.92 -2.18 12.22
N ILE B 206 2.34 -2.44 10.98
CA ILE B 206 3.51 -3.29 10.75
C ILE B 206 4.64 -2.76 11.62
N GLU B 207 4.86 -1.44 11.66
CA GLU B 207 5.99 -0.89 12.40
C GLU B 207 5.81 -1.22 13.88
N ASP B 208 4.62 -0.97 14.42
CA ASP B 208 4.38 -1.07 15.85
C ASP B 208 4.41 -2.52 16.34
N VAL B 209 3.67 -3.42 15.66
CA VAL B 209 3.74 -4.84 15.95
C VAL B 209 5.19 -5.28 16.03
N GLU B 210 5.97 -4.96 14.99
CA GLU B 210 7.36 -5.39 14.92
C GLU B 210 8.17 -4.83 16.09
N HIS B 211 7.87 -3.61 16.55
CA HIS B 211 8.73 -2.96 17.52
C HIS B 211 8.40 -3.50 18.91
N THR B 212 7.10 -3.67 19.21
CA THR B 212 6.65 -4.26 20.47
C THR B 212 7.17 -5.69 20.61
N PHE B 213 7.06 -6.47 19.53
CA PHE B 213 7.56 -7.83 19.51
C PHE B 213 9.05 -7.92 19.75
N GLU B 214 9.78 -6.85 19.40
CA GLU B 214 11.23 -6.82 19.62
C GLU B 214 11.52 -6.74 21.12
N GLU B 215 10.65 -6.04 21.86
CA GLU B 215 10.73 -5.91 23.31
C GLU B 215 10.24 -7.20 24.01
N ILE B 216 9.65 -8.14 23.27
CA ILE B 216 9.14 -9.40 23.82
C ILE B 216 10.10 -10.57 23.57
N LYS B 217 10.96 -10.47 22.54
CA LYS B 217 11.92 -11.53 22.24
C LYS B 217 12.75 -11.98 23.45
N PRO B 218 13.13 -11.11 24.43
CA PRO B 218 13.96 -11.53 25.56
C PRO B 218 13.25 -12.55 26.46
N LEU B 219 12.03 -12.21 26.89
CA LEU B 219 11.21 -13.03 27.77
C LEU B 219 10.90 -14.40 27.14
N TYR B 220 10.25 -14.37 25.97
CA TYR B 220 9.88 -15.56 25.22
C TYR B 220 11.05 -16.54 25.09
N GLU B 221 12.24 -15.99 24.81
CA GLU B 221 13.44 -16.78 24.51
C GLU B 221 13.83 -17.63 25.73
N HIS B 222 13.46 -17.10 26.91
CA HIS B 222 13.73 -17.73 28.19
C HIS B 222 12.60 -18.68 28.57
N LEU B 223 11.35 -18.27 28.32
CA LEU B 223 10.26 -19.23 28.38
C LEU B 223 10.57 -20.43 27.47
N HIS B 224 11.01 -20.12 26.25
CA HIS B 224 11.31 -21.15 25.27
C HIS B 224 12.37 -22.11 25.80
N ALA B 225 13.56 -21.59 26.15
CA ALA B 225 14.69 -22.40 26.57
C ALA B 225 14.37 -23.20 27.84
N TYR B 226 13.61 -22.58 28.77
CA TYR B 226 13.10 -23.24 29.97
C TYR B 226 12.26 -24.44 29.61
N VAL B 227 11.16 -24.17 28.87
CA VAL B 227 10.23 -25.19 28.39
C VAL B 227 11.02 -26.25 27.62
N ARG B 228 11.94 -25.84 26.75
CA ARG B 228 12.74 -26.76 25.96
C ARG B 228 13.46 -27.76 26.87
N ALA B 229 13.89 -27.30 28.06
CA ALA B 229 14.60 -28.15 29.00
C ALA B 229 13.64 -29.11 29.69
N LYS B 230 12.46 -28.60 30.12
CA LYS B 230 11.46 -29.46 30.74
C LYS B 230 10.89 -30.53 29.78
N LEU B 231 10.81 -30.25 28.47
CA LEU B 231 10.36 -31.27 27.51
C LEU B 231 11.46 -32.29 27.21
N MET B 232 12.71 -32.00 27.58
CA MET B 232 13.81 -32.92 27.29
C MET B 232 13.75 -34.11 28.25
N ASN B 233 13.22 -33.88 29.45
CA ASN B 233 12.91 -34.95 30.38
C ASN B 233 11.98 -35.97 29.72
N ALA B 234 10.90 -35.44 29.11
CA ALA B 234 9.87 -36.25 28.48
C ALA B 234 10.31 -36.80 27.11
N TYR B 235 10.99 -36.01 26.28
CA TYR B 235 11.39 -36.49 24.97
C TYR B 235 12.91 -36.45 24.81
N PRO B 236 13.68 -37.12 25.70
CA PRO B 236 15.14 -37.15 25.65
C PRO B 236 15.76 -37.34 24.27
N SER B 237 15.20 -38.26 23.47
CA SER B 237 15.86 -38.70 22.24
C SER B 237 15.55 -37.76 21.07
N TYR B 238 14.74 -36.70 21.31
CA TYR B 238 14.04 -36.02 20.23
C TYR B 238 14.23 -34.51 20.27
N ILE B 239 14.33 -33.94 21.49
CA ILE B 239 14.63 -32.51 21.66
C ILE B 239 16.14 -32.29 21.83
N SER B 240 16.69 -31.35 21.03
CA SER B 240 18.06 -30.85 21.18
C SER B 240 18.08 -29.60 22.06
N PRO B 241 19.14 -29.38 22.88
CA PRO B 241 19.22 -28.21 23.78
C PRO B 241 19.65 -26.89 23.10
N ILE B 242 20.26 -26.99 21.91
CA ILE B 242 20.52 -25.84 21.05
C ILE B 242 19.47 -25.74 19.92
N GLY B 243 18.41 -26.57 19.95
CA GLY B 243 17.50 -26.72 18.81
C GLY B 243 16.15 -26.03 19.03
N CYS B 244 15.43 -25.79 17.91
CA CYS B 244 14.03 -25.42 17.94
C CYS B 244 13.18 -26.57 18.48
N LEU B 245 12.11 -26.21 19.21
CA LEU B 245 11.10 -27.17 19.66
C LEU B 245 10.39 -27.79 18.45
N PRO B 246 10.34 -29.15 18.29
CA PRO B 246 9.50 -29.75 17.26
C PRO B 246 8.04 -29.31 17.45
N ALA B 247 7.37 -29.08 16.31
CA ALA B 247 6.08 -28.39 16.28
C ALA B 247 4.91 -29.25 16.81
N HIS B 248 5.07 -30.58 16.82
CA HIS B 248 4.03 -31.47 17.31
C HIS B 248 4.00 -31.70 18.83
N LEU B 249 4.90 -31.03 19.61
CA LEU B 249 5.00 -31.30 21.04
C LEU B 249 4.51 -30.11 21.88
N LEU B 250 3.59 -29.28 21.36
CA LEU B 250 3.36 -27.98 21.97
C LEU B 250 1.98 -27.88 22.63
N GLY B 251 1.30 -29.03 22.81
CA GLY B 251 0.07 -29.07 23.59
C GLY B 251 -1.17 -28.57 22.85
N ASP B 252 -1.03 -28.35 21.53
CA ASP B 252 -2.18 -28.23 20.64
C ASP B 252 -1.71 -28.59 19.23
N MET B 253 -2.61 -28.44 18.24
CA MET B 253 -2.35 -28.92 16.88
C MET B 253 -1.35 -28.00 16.16
N TRP B 254 -1.22 -26.73 16.60
CA TRP B 254 -0.41 -25.73 15.88
C TRP B 254 0.76 -25.15 16.70
N GLY B 255 0.63 -25.11 18.03
CA GLY B 255 1.49 -24.27 18.85
C GLY B 255 0.85 -22.93 19.18
N ARG B 256 -0.42 -22.75 18.80
CA ARG B 256 -1.11 -21.49 19.06
C ARG B 256 -0.92 -21.11 20.53
N PHE B 257 -1.21 -22.08 21.43
CA PHE B 257 -1.00 -21.91 22.85
C PHE B 257 -0.13 -23.07 23.33
N TRP B 258 0.60 -22.83 24.44
CA TRP B 258 1.43 -23.85 25.05
C TRP B 258 0.80 -24.42 26.30
N THR B 259 -0.46 -24.01 26.56
CA THR B 259 -1.20 -24.20 27.81
C THR B 259 -1.16 -25.63 28.36
N ASN B 260 -1.28 -26.65 27.49
CA ASN B 260 -1.36 -28.04 27.91
C ASN B 260 0.03 -28.66 28.03
N LEU B 261 1.05 -27.80 28.15
CA LEU B 261 2.36 -28.21 28.61
C LEU B 261 2.52 -27.85 30.08
N TYR B 262 1.43 -27.52 30.77
CA TYR B 262 1.56 -27.07 32.14
C TYR B 262 2.11 -28.19 33.01
N SER B 263 1.53 -29.40 32.89
CA SER B 263 1.84 -30.51 33.77
C SER B 263 3.25 -31.03 33.55
N LEU B 264 3.80 -30.82 32.35
CA LEU B 264 5.12 -31.29 31.96
C LEU B 264 6.21 -30.26 32.28
N THR B 265 5.79 -29.01 32.56
CA THR B 265 6.70 -27.89 32.74
C THR B 265 6.31 -27.10 33.97
N VAL B 266 5.38 -27.63 34.78
CA VAL B 266 5.11 -26.99 36.06
C VAL B 266 6.44 -26.95 36.82
N PRO B 267 6.75 -25.79 37.47
CA PRO B 267 8.04 -25.56 38.14
C PRO B 267 8.23 -26.16 39.54
N PHE B 268 7.29 -25.87 40.45
CA PHE B 268 7.27 -26.41 41.80
C PHE B 268 6.06 -27.33 41.94
N GLY B 269 6.28 -28.62 41.62
CA GLY B 269 5.22 -29.59 41.37
C GLY B 269 4.62 -30.17 42.64
N GLN B 270 5.37 -30.14 43.75
CA GLN B 270 4.89 -30.64 45.03
C GLN B 270 3.76 -29.75 45.52
N LYS B 271 3.87 -28.44 45.26
CA LYS B 271 2.95 -27.43 45.76
C LYS B 271 1.56 -27.66 45.16
N PRO B 272 0.48 -27.02 45.68
CA PRO B 272 -0.90 -27.40 45.32
C PRO B 272 -1.38 -26.74 44.04
N ASN B 273 -2.48 -27.24 43.48
CA ASN B 273 -3.06 -26.61 42.30
C ASN B 273 -3.94 -25.45 42.76
N ILE B 274 -3.95 -24.37 41.96
CA ILE B 274 -4.71 -23.16 42.30
C ILE B 274 -6.17 -23.34 41.92
N ASP B 275 -6.48 -24.42 41.17
CA ASP B 275 -7.82 -24.69 40.65
C ASP B 275 -8.78 -25.01 41.81
N VAL B 276 -10.06 -24.72 41.61
CA VAL B 276 -11.06 -24.91 42.70
C VAL B 276 -12.37 -25.39 42.07
N THR B 277 -12.27 -26.23 41.04
CA THR B 277 -13.50 -26.80 40.45
C THR B 277 -14.18 -27.64 41.53
N ASP B 278 -13.46 -28.62 42.10
CA ASP B 278 -14.01 -29.50 43.16
C ASP B 278 -14.78 -28.65 44.17
N ALA B 279 -14.15 -27.60 44.69
CA ALA B 279 -14.80 -26.75 45.70
C ALA B 279 -16.14 -26.30 45.15
N MET B 280 -16.16 -25.93 43.87
CA MET B 280 -17.42 -25.51 43.21
C MET B 280 -18.34 -26.72 43.14
N VAL B 281 -17.79 -27.89 42.83
CA VAL B 281 -18.61 -29.12 42.67
C VAL B 281 -19.40 -29.33 43.97
N ASP B 282 -18.75 -29.10 45.11
CA ASP B 282 -19.42 -29.36 46.42
C ASP B 282 -20.38 -28.21 46.73
N GLN B 283 -19.94 -26.97 46.58
CA GLN B 283 -20.79 -25.81 47.00
C GLN B 283 -22.07 -25.77 46.15
N ALA B 284 -22.27 -26.74 45.26
CA ALA B 284 -23.54 -26.83 44.50
C ALA B 284 -23.61 -25.76 43.41
N TRP B 285 -22.46 -25.26 42.95
CA TRP B 285 -22.49 -24.16 41.96
C TRP B 285 -23.17 -24.62 40.67
N ASP B 286 -24.36 -24.10 40.39
CA ASP B 286 -25.09 -24.41 39.14
C ASP B 286 -24.68 -23.38 38.08
N ALA B 287 -24.97 -23.63 36.81
CA ALA B 287 -24.52 -22.65 35.83
C ALA B 287 -24.93 -21.24 36.26
N GLN B 288 -26.20 -21.05 36.65
CA GLN B 288 -26.75 -19.72 36.84
C GLN B 288 -26.07 -19.04 38.04
N ARG B 289 -25.51 -19.83 38.97
CA ARG B 289 -24.78 -19.30 40.12
C ARG B 289 -23.52 -18.58 39.64
N ILE B 290 -22.74 -19.26 38.79
CA ILE B 290 -21.54 -18.70 38.18
C ILE B 290 -21.90 -17.40 37.47
N PHE B 291 -22.87 -17.46 36.55
CA PHE B 291 -23.21 -16.33 35.69
C PHE B 291 -23.80 -15.18 36.50
N LYS B 292 -24.06 -15.40 37.80
CA LYS B 292 -24.56 -14.36 38.69
C LYS B 292 -23.49 -13.84 39.64
N GLU B 293 -22.44 -14.64 39.88
CA GLU B 293 -21.26 -14.19 40.62
C GLU B 293 -20.31 -13.46 39.67
N ALA B 294 -20.53 -13.68 38.36
CA ALA B 294 -19.90 -12.91 37.29
C ALA B 294 -20.61 -11.56 37.14
N GLU B 295 -21.95 -11.58 37.17
CA GLU B 295 -22.76 -10.38 37.14
C GLU B 295 -22.41 -9.44 38.29
N LYS B 296 -22.08 -10.02 39.45
CA LYS B 296 -21.71 -9.22 40.64
C LYS B 296 -20.48 -8.37 40.34
N PHE B 297 -19.36 -9.02 40.07
CA PHE B 297 -18.09 -8.28 39.84
C PHE B 297 -18.39 -7.11 38.92
N PHE B 298 -19.20 -7.34 37.87
CA PHE B 298 -19.45 -6.27 36.89
C PHE B 298 -20.20 -5.13 37.59
N VAL B 299 -21.08 -5.47 38.52
CA VAL B 299 -21.80 -4.44 39.26
C VAL B 299 -20.83 -3.59 40.08
N SER B 300 -19.95 -4.24 40.85
CA SER B 300 -19.07 -3.51 41.80
C SER B 300 -18.25 -2.42 41.11
N VAL B 301 -17.69 -2.74 39.94
CA VAL B 301 -16.82 -1.75 39.24
C VAL B 301 -17.66 -0.52 38.90
N GLY B 302 -18.98 -0.70 38.73
CA GLY B 302 -19.86 0.44 38.46
C GLY B 302 -20.68 0.24 37.20
N LEU B 303 -20.88 -1.02 36.79
CA LEU B 303 -21.65 -1.32 35.59
C LEU B 303 -23.00 -1.87 36.03
N PRO B 304 -24.04 -1.88 35.16
CA PRO B 304 -25.36 -2.34 35.55
C PRO B 304 -25.40 -3.85 35.74
N ASN B 305 -26.56 -4.35 36.15
CA ASN B 305 -26.87 -5.76 36.08
C ASN B 305 -27.07 -6.13 34.62
N MET B 306 -27.23 -7.45 34.40
CA MET B 306 -27.72 -7.94 33.12
C MET B 306 -29.18 -7.51 32.98
N THR B 307 -29.79 -7.82 31.83
CA THR B 307 -31.20 -7.55 31.62
C THR B 307 -32.01 -8.73 32.16
N GLN B 308 -33.34 -8.64 32.02
CA GLN B 308 -34.21 -9.80 32.14
C GLN B 308 -34.51 -10.38 30.75
N GLY B 309 -34.26 -9.58 29.70
CA GLY B 309 -34.10 -10.10 28.36
C GLY B 309 -33.00 -11.17 28.31
N PHE B 310 -31.91 -10.92 29.07
CA PHE B 310 -30.75 -11.80 29.17
C PHE B 310 -31.13 -13.11 29.83
N TRP B 311 -31.53 -13.05 31.12
CA TRP B 311 -31.74 -14.21 31.95
C TRP B 311 -32.80 -15.13 31.33
N GLU B 312 -33.83 -14.55 30.71
CA GLU B 312 -34.95 -15.31 30.21
C GLU B 312 -34.66 -15.90 28.83
N ASN B 313 -33.46 -15.66 28.26
CA ASN B 313 -33.17 -15.99 26.87
C ASN B 313 -31.80 -16.66 26.67
N SER B 314 -30.81 -16.26 27.50
CA SER B 314 -29.48 -16.86 27.49
C SER B 314 -29.58 -18.39 27.61
N MET B 315 -28.54 -19.09 27.13
CA MET B 315 -28.49 -20.58 27.24
C MET B 315 -27.15 -20.93 27.90
N LEU B 316 -27.17 -21.45 29.13
CA LEU B 316 -25.91 -21.70 29.85
C LEU B 316 -25.66 -23.19 30.05
N THR B 317 -26.48 -24.06 29.42
CA THR B 317 -26.34 -25.52 29.65
C THR B 317 -26.33 -26.24 28.31
N ASP B 318 -25.62 -27.37 28.23
CA ASP B 318 -25.67 -28.17 26.98
C ASP B 318 -27.13 -28.49 26.69
N PRO B 319 -27.63 -28.24 25.47
CA PRO B 319 -29.04 -28.44 25.19
C PRO B 319 -29.43 -29.88 25.55
N GLY B 320 -28.66 -30.86 25.09
CA GLY B 320 -29.02 -32.27 25.33
C GLY B 320 -28.85 -33.13 24.09
N ASN B 321 -29.53 -34.28 24.05
CA ASN B 321 -29.45 -35.19 22.88
C ASN B 321 -30.61 -34.85 21.96
N VAL B 322 -31.77 -34.55 22.53
CA VAL B 322 -32.93 -34.12 21.70
C VAL B 322 -32.54 -32.82 21.02
N GLN B 323 -32.05 -31.87 21.82
CA GLN B 323 -31.62 -30.57 21.25
C GLN B 323 -30.11 -30.62 21.06
N LYS B 324 -29.65 -30.55 19.80
CA LYS B 324 -28.19 -30.54 19.53
C LYS B 324 -27.80 -29.10 19.15
N ALA B 325 -26.81 -28.52 19.84
CA ALA B 325 -26.45 -27.11 19.58
C ALA B 325 -24.94 -26.93 19.50
N VAL B 326 -24.46 -25.96 18.71
CA VAL B 326 -23.01 -25.63 18.68
C VAL B 326 -22.65 -25.12 20.08
N CYS B 327 -21.69 -25.74 20.76
CA CYS B 327 -21.44 -25.37 22.18
C CYS B 327 -20.23 -24.43 22.36
N HIS B 328 -19.80 -23.73 21.30
CA HIS B 328 -18.72 -22.72 21.51
C HIS B 328 -19.33 -21.56 22.28
N PRO B 329 -18.70 -21.06 23.36
CA PRO B 329 -19.23 -19.88 24.05
C PRO B 329 -19.36 -18.70 23.09
N THR B 330 -20.61 -18.22 22.93
CA THR B 330 -20.98 -17.27 21.88
C THR B 330 -21.89 -16.20 22.50
N ALA B 331 -21.41 -14.94 22.61
CA ALA B 331 -22.18 -13.85 23.19
C ALA B 331 -22.82 -13.00 22.08
N TRP B 332 -24.17 -12.86 22.08
CA TRP B 332 -24.94 -12.29 20.97
C TRP B 332 -25.47 -10.89 21.27
N ASP B 333 -25.67 -10.10 20.20
CA ASP B 333 -26.10 -8.72 20.28
C ASP B 333 -27.03 -8.45 19.10
N LEU B 334 -28.31 -8.79 19.29
CA LEU B 334 -29.27 -8.89 18.20
C LEU B 334 -29.87 -7.53 17.83
N GLY B 335 -29.58 -6.52 18.67
CA GLY B 335 -30.30 -5.26 18.63
C GLY B 335 -31.53 -5.31 19.52
N LYS B 336 -32.07 -4.13 19.87
CA LYS B 336 -33.29 -3.99 20.66
C LYS B 336 -33.07 -4.46 22.10
N GLY B 337 -31.98 -3.99 22.73
CA GLY B 337 -31.62 -4.36 24.11
C GLY B 337 -31.63 -5.87 24.36
N ASP B 338 -31.49 -6.67 23.29
CA ASP B 338 -31.61 -8.12 23.32
C ASP B 338 -30.21 -8.72 23.36
N PHE B 339 -29.72 -8.97 24.59
CA PHE B 339 -28.43 -9.55 24.83
C PHE B 339 -28.62 -11.00 25.29
N ARG B 340 -27.74 -11.91 24.84
CA ARG B 340 -27.84 -13.34 25.10
C ARG B 340 -26.44 -13.97 25.10
N ILE B 341 -26.32 -15.16 25.71
CA ILE B 341 -25.02 -15.90 25.71
C ILE B 341 -25.37 -17.38 25.50
N LEU B 342 -24.59 -18.08 24.69
CA LEU B 342 -24.83 -19.53 24.44
C LEU B 342 -23.58 -20.30 24.86
N MET B 343 -23.40 -20.52 26.16
CA MET B 343 -22.24 -21.32 26.63
C MET B 343 -22.75 -22.60 27.28
N CYS B 344 -22.49 -23.76 26.67
CA CYS B 344 -22.85 -25.04 27.32
C CYS B 344 -21.98 -25.11 28.57
N THR B 345 -22.31 -24.32 29.59
CA THR B 345 -21.43 -24.20 30.78
C THR B 345 -21.26 -25.51 31.53
N LYS B 346 -20.06 -25.75 32.07
CA LYS B 346 -19.80 -26.96 32.89
C LYS B 346 -19.06 -26.50 34.16
N VAL B 347 -19.64 -26.73 35.33
CA VAL B 347 -19.02 -26.26 36.60
C VAL B 347 -17.52 -26.48 36.51
N THR B 348 -16.74 -25.41 36.32
CA THR B 348 -15.27 -25.52 36.21
C THR B 348 -14.66 -24.13 36.31
N MET B 349 -13.53 -23.98 37.00
CA MET B 349 -12.86 -22.65 37.02
C MET B 349 -12.81 -22.18 35.57
N ASP B 350 -12.34 -23.06 34.68
CA ASP B 350 -12.27 -22.71 33.24
C ASP B 350 -13.58 -22.03 32.85
N ASP B 351 -14.72 -22.57 33.26
CA ASP B 351 -16.02 -22.03 32.78
C ASP B 351 -16.47 -20.86 33.64
N PHE B 352 -16.01 -20.79 34.90
CA PHE B 352 -16.35 -19.61 35.73
C PHE B 352 -15.66 -18.39 35.13
N LEU B 353 -14.47 -18.60 34.58
CA LEU B 353 -13.72 -17.52 33.95
C LEU B 353 -14.31 -17.17 32.58
N THR B 354 -14.84 -18.18 31.86
CA THR B 354 -15.32 -18.00 30.49
C THR B 354 -16.66 -17.25 30.46
N ALA B 355 -17.43 -17.32 31.55
CA ALA B 355 -18.65 -16.53 31.65
C ALA B 355 -18.30 -15.06 31.90
N HIS B 356 -17.22 -14.79 32.65
CA HIS B 356 -16.68 -13.43 32.84
C HIS B 356 -16.16 -12.85 31.53
N HIS B 357 -15.57 -13.71 30.69
CA HIS B 357 -15.02 -13.32 29.41
C HIS B 357 -16.16 -12.98 28.46
N GLU B 358 -17.16 -13.88 28.40
CA GLU B 358 -18.28 -13.79 27.49
C GLU B 358 -19.30 -12.75 27.98
N MET B 359 -19.25 -12.41 29.27
CA MET B 359 -20.12 -11.39 29.82
C MET B 359 -19.44 -10.02 29.74
N GLY B 360 -18.11 -10.01 29.68
CA GLY B 360 -17.35 -8.79 29.45
C GLY B 360 -17.64 -8.21 28.07
N HIS B 361 -17.99 -9.10 27.12
CA HIS B 361 -18.52 -8.73 25.81
C HIS B 361 -19.93 -8.14 25.92
N ILE B 362 -20.79 -8.76 26.74
CA ILE B 362 -22.18 -8.33 26.85
C ILE B 362 -22.24 -6.92 27.40
N GLN B 363 -21.50 -6.66 28.48
CA GLN B 363 -21.45 -5.35 29.13
C GLN B 363 -20.95 -4.28 28.16
N TYR B 364 -19.99 -4.65 27.28
CA TYR B 364 -19.50 -3.77 26.23
C TYR B 364 -20.63 -3.44 25.25
N ASP B 365 -21.42 -4.46 24.85
CA ASP B 365 -22.47 -4.30 23.87
C ASP B 365 -23.67 -3.52 24.43
N MET B 366 -23.76 -3.51 25.76
CA MET B 366 -24.79 -2.73 26.44
C MET B 366 -24.47 -1.25 26.26
N ALA B 367 -23.21 -0.89 26.51
CA ALA B 367 -22.77 0.50 26.60
C ALA B 367 -22.91 1.23 25.27
N TYR B 368 -22.65 0.52 24.16
CA TYR B 368 -22.66 1.12 22.84
C TYR B 368 -23.98 0.81 22.12
N ALA B 369 -24.99 0.31 22.85
CA ALA B 369 -26.35 0.32 22.33
C ALA B 369 -26.76 1.77 22.08
N ALA B 370 -26.13 2.68 22.85
CA ALA B 370 -26.31 4.13 22.76
C ALA B 370 -25.98 4.65 21.35
N GLN B 371 -24.85 4.23 20.79
CA GLN B 371 -24.40 4.77 19.52
C GLN B 371 -25.39 4.43 18.39
N PRO B 372 -25.28 5.09 17.21
CA PRO B 372 -26.02 4.65 16.02
C PRO B 372 -25.55 3.29 15.49
N PHE B 373 -26.43 2.66 14.70
CA PHE B 373 -26.34 1.27 14.26
C PHE B 373 -24.94 0.93 13.75
N LEU B 374 -24.37 1.81 12.94
CA LEU B 374 -23.13 1.53 12.23
C LEU B 374 -21.91 1.74 13.14
N LEU B 375 -22.10 2.36 14.31
CA LEU B 375 -20.99 2.60 15.22
C LEU B 375 -21.08 1.68 16.45
N ARG B 376 -21.96 0.67 16.36
CA ARG B 376 -22.04 -0.40 17.33
C ARG B 376 -21.05 -1.51 16.97
N ASN B 377 -19.77 -1.29 17.26
CA ASN B 377 -18.77 -2.34 17.19
C ASN B 377 -17.73 -2.04 18.27
N GLY B 378 -16.70 -2.89 18.36
CA GLY B 378 -15.52 -2.54 19.14
C GLY B 378 -14.71 -1.46 18.42
N ALA B 379 -13.97 -0.65 19.19
CA ALA B 379 -13.17 0.42 18.61
C ALA B 379 -12.37 -0.13 17.43
N ASN B 380 -11.61 -1.21 17.65
CA ASN B 380 -11.03 -2.00 16.57
C ASN B 380 -11.13 -3.47 16.94
N GLU B 381 -10.55 -4.33 16.09
CA GLU B 381 -10.77 -5.77 16.15
C GLU B 381 -10.10 -6.36 17.40
N GLY B 382 -9.23 -5.61 18.06
CA GLY B 382 -8.60 -6.10 19.28
C GLY B 382 -9.39 -5.79 20.54
N PHE B 383 -10.44 -4.97 20.46
CA PHE B 383 -11.00 -4.35 21.65
C PHE B 383 -11.92 -5.30 22.42
N HIS B 384 -12.76 -6.04 21.68
CA HIS B 384 -13.65 -7.04 22.25
C HIS B 384 -12.87 -8.07 23.07
N GLU B 385 -11.88 -8.70 22.42
CA GLU B 385 -11.14 -9.78 23.06
C GLU B 385 -10.25 -9.21 24.17
N ALA B 386 -9.88 -7.93 24.10
CA ALA B 386 -9.13 -7.32 25.18
C ALA B 386 -10.03 -7.18 26.42
N VAL B 387 -11.26 -6.69 26.21
CA VAL B 387 -12.21 -6.45 27.28
C VAL B 387 -12.57 -7.76 27.98
N GLY B 388 -12.86 -8.81 27.19
CA GLY B 388 -13.11 -10.15 27.71
C GLY B 388 -11.99 -10.63 28.63
N GLU B 389 -10.74 -10.53 28.16
CA GLU B 389 -9.61 -11.19 28.79
C GLU B 389 -9.10 -10.45 30.04
N ILE B 390 -9.59 -9.23 30.33
CA ILE B 390 -9.21 -8.56 31.56
C ILE B 390 -10.24 -8.86 32.66
N MET B 391 -11.32 -9.57 32.30
CA MET B 391 -12.34 -10.02 33.23
C MET B 391 -12.03 -11.45 33.69
N SER B 392 -11.46 -12.27 32.78
CA SER B 392 -10.78 -13.52 33.13
C SER B 392 -9.65 -13.23 34.12
N LEU B 393 -8.97 -12.10 33.92
CA LEU B 393 -7.76 -11.80 34.71
C LEU B 393 -8.08 -11.50 36.17
N SER B 394 -9.21 -10.84 36.45
CA SER B 394 -9.53 -10.44 37.84
C SER B 394 -10.22 -11.58 38.59
N ALA B 395 -11.20 -12.23 37.96
CA ALA B 395 -11.98 -13.28 38.66
C ALA B 395 -11.18 -14.57 38.77
N ALA B 396 -9.95 -14.58 38.27
CA ALA B 396 -9.12 -15.76 38.39
C ALA B 396 -7.93 -15.46 39.28
N THR B 397 -8.10 -14.46 40.15
CA THR B 397 -6.99 -13.94 40.93
C THR B 397 -6.90 -14.63 42.28
N PRO B 398 -5.74 -14.53 42.97
CA PRO B 398 -5.63 -14.92 44.37
C PRO B 398 -6.79 -14.36 45.19
N LYS B 399 -6.96 -13.04 45.11
CA LYS B 399 -7.93 -12.32 45.92
C LYS B 399 -9.35 -12.71 45.54
N HIS B 400 -9.75 -12.49 44.27
CA HIS B 400 -11.16 -12.60 43.90
C HIS B 400 -11.76 -13.93 44.38
N LEU B 401 -10.98 -15.01 44.32
CA LEU B 401 -11.56 -16.34 44.64
C LEU B 401 -11.92 -16.42 46.12
N LYS B 402 -11.09 -15.85 46.99
CA LYS B 402 -11.37 -15.88 48.45
C LYS B 402 -12.64 -15.10 48.71
N SER B 403 -12.78 -13.92 48.09
CA SER B 403 -13.94 -13.04 48.38
C SER B 403 -15.21 -13.58 47.73
N ILE B 404 -15.12 -14.70 47.01
CA ILE B 404 -16.30 -15.30 46.34
C ILE B 404 -16.81 -16.45 47.22
N GLY B 405 -15.90 -17.15 47.89
CA GLY B 405 -16.29 -18.26 48.77
C GLY B 405 -15.87 -19.61 48.21
N LEU B 406 -14.75 -19.64 47.47
CA LEU B 406 -14.32 -20.89 46.81
C LEU B 406 -12.89 -21.23 47.26
N LEU B 407 -12.21 -20.28 47.89
CA LEU B 407 -10.80 -20.52 48.31
C LEU B 407 -10.67 -20.28 49.81
N SER B 408 -9.93 -21.14 50.51
CA SER B 408 -9.74 -20.99 51.97
C SER B 408 -9.52 -19.51 52.28
N PRO B 409 -10.45 -18.83 52.98
CA PRO B 409 -10.23 -17.44 53.35
C PRO B 409 -8.81 -17.41 53.90
N ASP B 410 -8.43 -18.44 54.65
CA ASP B 410 -7.03 -18.53 55.12
C ASP B 410 -6.20 -19.16 54.00
N PHE B 411 -5.96 -18.42 52.91
CA PHE B 411 -5.10 -18.95 51.83
C PHE B 411 -3.70 -18.33 51.89
N GLN B 412 -2.66 -19.17 51.94
CA GLN B 412 -1.27 -18.68 52.02
C GLN B 412 -0.60 -18.86 50.66
N GLU B 413 -0.86 -17.95 49.72
CA GLU B 413 -0.18 -18.04 48.43
C GLU B 413 1.27 -17.58 48.61
N ASP B 414 2.21 -18.54 48.64
CA ASP B 414 3.62 -18.25 48.90
C ASP B 414 4.22 -17.63 47.64
N ASN B 415 5.55 -17.48 47.61
CA ASN B 415 6.23 -17.07 46.40
C ASN B 415 6.25 -18.22 45.40
N GLU B 416 6.15 -19.47 45.89
CA GLU B 416 6.19 -20.67 45.04
C GLU B 416 4.96 -20.77 44.13
N THR B 417 3.76 -20.41 44.64
CA THR B 417 2.51 -20.53 43.88
C THR B 417 2.33 -19.37 42.89
N GLU B 418 3.08 -18.28 43.10
CA GLU B 418 3.06 -17.13 42.21
C GLU B 418 3.69 -17.51 40.86
N ILE B 419 4.86 -18.16 40.90
CA ILE B 419 5.60 -18.54 39.69
C ILE B 419 4.90 -19.69 38.97
N ASN B 420 3.91 -20.33 39.61
CA ASN B 420 3.19 -21.49 39.06
C ASN B 420 1.88 -21.04 38.41
N PHE B 421 1.66 -19.73 38.33
CA PHE B 421 0.52 -19.13 37.65
C PHE B 421 1.01 -18.10 36.62
N LEU B 422 2.18 -17.50 36.87
CA LEU B 422 2.85 -16.69 35.87
C LEU B 422 3.39 -17.61 34.77
N LEU B 423 3.76 -18.83 35.12
CA LEU B 423 4.25 -19.73 34.09
C LEU B 423 3.07 -20.28 33.31
N LYS B 424 1.92 -20.45 33.98
CA LYS B 424 0.75 -21.01 33.32
C LYS B 424 0.17 -20.00 32.34
N GLN B 425 0.05 -18.76 32.83
CA GLN B 425 -0.39 -17.62 32.04
C GLN B 425 0.58 -17.39 30.88
N ALA B 426 1.88 -17.56 31.13
CA ALA B 426 2.89 -17.35 30.10
C ALA B 426 2.78 -18.36 28.96
N LEU B 427 2.12 -19.52 29.17
CA LEU B 427 2.10 -20.56 28.15
C LEU B 427 0.95 -20.29 27.18
N THR B 428 -0.17 -19.77 27.74
CA THR B 428 -1.29 -19.25 26.97
C THR B 428 -0.85 -17.98 26.23
N ILE B 429 -0.31 -17.03 26.99
CA ILE B 429 -0.34 -15.62 26.58
C ILE B 429 0.95 -15.22 25.89
N VAL B 430 2.10 -15.47 26.52
CA VAL B 430 3.35 -15.12 25.87
C VAL B 430 3.63 -16.08 24.71
N GLY B 431 3.19 -17.36 24.82
CA GLY B 431 3.52 -18.38 23.86
C GLY B 431 2.88 -18.13 22.49
N THR B 432 1.70 -17.49 22.51
CA THR B 432 0.88 -17.24 21.32
C THR B 432 1.43 -16.04 20.52
N LEU B 433 2.01 -15.02 21.16
CA LEU B 433 2.39 -13.78 20.50
C LEU B 433 3.35 -14.03 19.33
N PRO B 434 4.50 -14.73 19.49
CA PRO B 434 5.34 -15.07 18.35
C PRO B 434 4.64 -15.91 17.29
N PHE B 435 3.69 -16.76 17.72
CA PHE B 435 2.97 -17.66 16.81
C PHE B 435 2.02 -16.85 15.93
N THR B 436 1.33 -15.91 16.58
CA THR B 436 0.40 -14.99 15.97
C THR B 436 1.10 -14.05 14.99
N TYR B 437 2.19 -13.42 15.47
CA TYR B 437 2.90 -12.42 14.70
C TYR B 437 3.45 -13.07 13.43
N MET B 438 4.08 -14.25 13.56
CA MET B 438 4.74 -14.90 12.44
C MET B 438 3.70 -15.33 11.42
N LEU B 439 2.50 -15.66 11.92
CA LEU B 439 1.43 -16.17 11.08
C LEU B 439 0.95 -15.03 10.19
N GLU B 440 0.49 -13.96 10.83
CA GLU B 440 0.00 -12.79 10.11
C GLU B 440 1.10 -12.17 9.26
N LYS B 441 2.36 -12.15 9.72
CA LYS B 441 3.44 -11.64 8.88
C LYS B 441 3.52 -12.46 7.61
N TRP B 442 3.38 -13.78 7.72
CA TRP B 442 3.46 -14.64 6.54
C TRP B 442 2.36 -14.31 5.53
N ARG B 443 1.16 -13.99 6.02
CA ARG B 443 -0.01 -13.78 5.20
C ARG B 443 0.15 -12.45 4.47
N TRP B 444 0.37 -11.38 5.24
CA TRP B 444 0.81 -10.07 4.74
C TRP B 444 1.84 -10.20 3.62
N MET B 445 2.92 -10.91 3.91
CA MET B 445 4.00 -11.05 2.95
C MET B 445 3.52 -11.79 1.71
N VAL B 446 2.61 -12.76 1.87
CA VAL B 446 2.18 -13.60 0.75
C VAL B 446 1.27 -12.76 -0.14
N PHE B 447 0.34 -12.01 0.47
CA PHE B 447 -0.59 -11.17 -0.27
C PHE B 447 0.17 -10.11 -1.07
N LYS B 448 1.11 -9.43 -0.39
CA LYS B 448 1.91 -8.35 -0.93
C LYS B 448 2.72 -8.80 -2.15
N GLY B 449 3.05 -10.08 -2.23
CA GLY B 449 3.81 -10.62 -3.34
C GLY B 449 5.25 -10.94 -2.94
N GLU B 450 5.61 -10.69 -1.67
CA GLU B 450 6.96 -10.88 -1.18
C GLU B 450 7.33 -12.36 -1.12
N ILE B 451 6.37 -13.30 -1.25
CA ILE B 451 6.72 -14.72 -1.23
C ILE B 451 6.15 -15.38 -2.50
N PRO B 452 6.99 -15.70 -3.51
CA PRO B 452 6.60 -16.64 -4.56
C PRO B 452 5.97 -17.92 -4.01
N LYS B 453 4.90 -18.38 -4.68
CA LYS B 453 4.32 -19.69 -4.43
C LYS B 453 5.37 -20.82 -4.48
N ASP B 454 6.45 -20.68 -5.26
CA ASP B 454 7.40 -21.78 -5.37
C ASP B 454 8.20 -21.90 -4.06
N GLN B 455 8.03 -20.98 -3.09
CA GLN B 455 8.66 -21.14 -1.79
C GLN B 455 7.77 -20.57 -0.67
N TRP B 456 6.48 -20.94 -0.70
CA TRP B 456 5.49 -20.55 0.29
C TRP B 456 5.73 -21.28 1.62
N MET B 457 6.01 -22.59 1.53
CA MET B 457 6.20 -23.41 2.73
C MET B 457 7.66 -23.32 3.17
N LYS B 458 8.60 -23.30 2.20
CA LYS B 458 9.99 -23.03 2.49
C LYS B 458 10.12 -21.80 3.40
N LYS B 459 9.35 -20.75 3.12
CA LYS B 459 9.44 -19.51 3.87
C LYS B 459 8.66 -19.60 5.18
N TRP B 460 7.50 -20.26 5.15
CA TRP B 460 6.71 -20.54 6.34
C TRP B 460 7.59 -21.12 7.46
N TRP B 461 8.37 -22.15 7.13
CA TRP B 461 9.12 -22.87 8.14
C TRP B 461 10.36 -22.09 8.58
N GLU B 462 11.07 -21.49 7.61
CA GLU B 462 12.17 -20.57 7.90
C GLU B 462 11.75 -19.54 8.96
N MET B 463 10.49 -19.09 8.90
CA MET B 463 9.95 -18.05 9.77
C MET B 463 9.57 -18.63 11.13
N LYS B 464 8.90 -19.79 11.12
CA LYS B 464 8.62 -20.58 12.31
C LYS B 464 9.90 -20.78 13.12
N ARG B 465 10.93 -21.30 12.43
CA ARG B 465 12.26 -21.51 13.00
C ARG B 465 12.86 -20.23 13.56
N GLU B 466 12.93 -19.13 12.77
CA GLU B 466 13.57 -17.88 13.17
C GLU B 466 12.75 -17.11 14.20
N ILE B 467 11.45 -16.94 13.99
CA ILE B 467 10.67 -16.12 14.89
C ILE B 467 10.19 -16.91 16.11
N VAL B 468 9.77 -18.16 15.90
CA VAL B 468 9.04 -18.91 16.92
C VAL B 468 9.96 -19.94 17.58
N GLY B 469 11.04 -20.33 16.86
CA GLY B 469 11.97 -21.33 17.36
C GLY B 469 11.34 -22.73 17.45
N VAL B 470 10.32 -22.92 16.58
CA VAL B 470 9.62 -24.17 16.36
C VAL B 470 10.01 -24.66 14.97
N VAL B 471 10.05 -25.98 14.78
CA VAL B 471 10.64 -26.58 13.58
C VAL B 471 9.81 -27.80 13.16
N GLU B 472 9.69 -27.99 11.85
CA GLU B 472 8.92 -29.11 11.32
C GLU B 472 9.64 -30.43 11.63
N PRO B 473 8.93 -31.49 12.12
CA PRO B 473 9.54 -32.81 12.31
C PRO B 473 9.62 -33.60 11.01
N VAL B 474 8.79 -33.24 10.02
CA VAL B 474 8.90 -33.77 8.68
C VAL B 474 9.13 -32.61 7.72
N PRO B 475 9.94 -32.80 6.66
CA PRO B 475 10.16 -31.77 5.64
C PRO B 475 8.96 -31.56 4.72
N HIS B 476 8.51 -30.30 4.60
CA HIS B 476 7.30 -29.98 3.86
C HIS B 476 7.64 -29.21 2.58
N ASP B 477 7.30 -29.82 1.44
CA ASP B 477 7.46 -29.24 0.12
C ASP B 477 6.24 -28.38 -0.23
N GLU B 478 6.09 -28.00 -1.51
CA GLU B 478 5.13 -26.97 -1.87
C GLU B 478 3.76 -27.59 -2.19
N THR B 479 3.65 -28.91 -2.01
CA THR B 479 2.35 -29.60 -2.01
C THR B 479 1.54 -29.26 -0.77
N TYR B 480 2.22 -29.01 0.36
CA TYR B 480 1.55 -28.71 1.62
C TYR B 480 1.09 -27.25 1.68
N CYS B 481 0.19 -26.98 2.62
CA CYS B 481 -0.25 -25.63 2.91
C CYS B 481 -0.65 -25.62 4.38
N ASP B 482 0.38 -25.73 5.23
CA ASP B 482 0.24 -25.92 6.67
C ASP B 482 -0.47 -24.72 7.31
N PRO B 483 -0.26 -23.47 6.83
CA PRO B 483 -1.06 -22.33 7.30
C PRO B 483 -2.58 -22.54 7.23
N ALA B 484 -3.03 -23.20 6.15
CA ALA B 484 -4.45 -23.44 5.87
C ALA B 484 -5.06 -24.47 6.83
N SER B 485 -4.21 -25.33 7.43
CA SER B 485 -4.63 -26.33 8.40
C SER B 485 -5.05 -25.72 9.73
N LEU B 486 -4.93 -24.40 9.91
CA LEU B 486 -5.44 -23.73 11.11
C LEU B 486 -6.79 -23.12 10.75
N PHE B 487 -7.74 -23.15 11.69
CA PHE B 487 -9.07 -22.62 11.41
C PHE B 487 -9.05 -21.26 10.71
N HIS B 488 -8.36 -20.28 11.29
CA HIS B 488 -8.55 -18.88 10.95
C HIS B 488 -8.04 -18.55 9.55
N VAL B 489 -7.13 -19.38 9.03
CA VAL B 489 -6.55 -19.19 7.71
C VAL B 489 -7.55 -19.64 6.65
N SER B 490 -8.04 -20.89 6.79
CA SER B 490 -8.94 -21.50 5.83
C SER B 490 -10.34 -20.88 5.91
N ASN B 491 -10.64 -20.20 7.03
CA ASN B 491 -11.94 -19.55 7.21
C ASN B 491 -11.80 -18.03 7.07
N ASP B 492 -10.67 -17.58 6.47
CA ASP B 492 -10.48 -16.23 5.95
C ASP B 492 -10.87 -15.19 7.01
N TYR B 493 -10.27 -15.32 8.21
CA TYR B 493 -10.35 -14.35 9.31
C TYR B 493 -8.96 -13.79 9.62
N SER B 494 -8.91 -12.51 10.04
CA SER B 494 -7.62 -11.91 10.41
C SER B 494 -7.18 -12.44 11.77
N PHE B 495 -5.86 -12.49 11.99
CA PHE B 495 -5.27 -13.11 13.17
C PHE B 495 -4.57 -12.11 14.09
N ILE B 496 -4.20 -10.92 13.60
CA ILE B 496 -3.40 -9.99 14.40
C ILE B 496 -4.22 -9.39 15.55
N ARG B 497 -5.54 -9.51 15.49
CA ARG B 497 -6.43 -9.18 16.60
C ARG B 497 -6.01 -9.90 17.89
N TYR B 498 -5.31 -11.02 17.79
CA TYR B 498 -4.93 -11.78 18.97
C TYR B 498 -3.60 -11.27 19.51
N TYR B 499 -2.82 -10.60 18.66
CA TYR B 499 -1.65 -9.84 19.10
C TYR B 499 -2.08 -8.50 19.67
N THR B 500 -2.99 -7.77 19.01
CA THR B 500 -3.30 -6.44 19.50
C THR B 500 -4.08 -6.51 20.81
N ARG B 501 -5.03 -7.44 20.95
CA ARG B 501 -5.85 -7.52 22.17
C ARG B 501 -5.01 -7.93 23.40
N THR B 502 -3.91 -8.66 23.20
CA THR B 502 -3.08 -9.09 24.30
C THR B 502 -2.32 -7.90 24.89
N LEU B 503 -1.76 -7.02 24.04
CA LEU B 503 -1.15 -5.79 24.53
C LEU B 503 -2.22 -4.86 25.14
N TYR B 504 -3.39 -4.74 24.49
CA TYR B 504 -4.47 -3.88 24.94
C TYR B 504 -5.00 -4.31 26.31
N GLN B 505 -4.99 -5.60 26.63
CA GLN B 505 -5.57 -6.07 27.89
C GLN B 505 -4.66 -5.68 29.05
N PHE B 506 -3.35 -5.87 28.88
CA PHE B 506 -2.37 -5.52 29.88
C PHE B 506 -2.25 -4.00 30.03
N GLN B 507 -2.75 -3.23 29.05
CA GLN B 507 -2.76 -1.78 29.17
C GLN B 507 -4.02 -1.31 29.87
N PHE B 508 -5.13 -2.01 29.68
CA PHE B 508 -6.39 -1.64 30.37
C PHE B 508 -6.27 -1.93 31.87
N GLN B 509 -5.91 -3.16 32.23
CA GLN B 509 -5.87 -3.55 33.67
C GLN B 509 -4.89 -2.65 34.42
N GLU B 510 -3.67 -2.48 33.91
CA GLU B 510 -2.66 -1.68 34.65
C GLU B 510 -3.30 -0.34 35.00
N ALA B 511 -3.96 0.28 34.03
CA ALA B 511 -4.63 1.57 34.26
C ALA B 511 -5.72 1.38 35.31
N LEU B 512 -6.59 0.40 35.10
CA LEU B 512 -7.74 0.22 36.03
C LEU B 512 -7.21 -0.10 37.43
N CYS B 513 -6.12 -0.86 37.53
CA CYS B 513 -5.53 -1.22 38.85
C CYS B 513 -4.84 0.01 39.44
N GLN B 514 -3.96 0.64 38.67
CA GLN B 514 -3.31 1.88 39.16
C GLN B 514 -4.45 2.83 39.53
N ALA B 515 -5.51 2.85 38.73
CA ALA B 515 -6.69 3.68 39.06
C ALA B 515 -7.36 3.12 40.30
N ALA B 516 -7.40 1.79 40.42
CA ALA B 516 -8.07 1.15 41.58
C ALA B 516 -7.13 1.21 42.78
N LYS B 517 -5.89 1.62 42.57
CA LYS B 517 -4.89 1.70 43.66
C LYS B 517 -4.53 0.29 44.15
N HIS B 518 -4.36 -0.67 43.23
CA HIS B 518 -3.87 -1.98 43.64
C HIS B 518 -2.59 -1.78 44.44
N GLU B 519 -2.32 -2.72 45.35
CA GLU B 519 -1.22 -2.58 46.30
C GLU B 519 0.11 -2.83 45.60
N GLY B 520 0.58 -4.09 45.58
CA GLY B 520 1.97 -4.39 45.26
C GLY B 520 2.16 -4.92 43.84
N PRO B 521 2.25 -6.27 43.66
CA PRO B 521 2.49 -6.87 42.34
C PRO B 521 1.28 -6.78 41.42
N LEU B 522 1.54 -6.78 40.10
CA LEU B 522 0.57 -6.41 39.08
C LEU B 522 -0.47 -7.50 38.83
N HIS B 523 -0.10 -8.76 39.06
CA HIS B 523 -0.87 -9.93 38.63
C HIS B 523 -1.86 -10.44 39.69
N LYS B 524 -1.79 -9.88 40.90
CA LYS B 524 -2.81 -10.26 41.92
C LYS B 524 -3.99 -9.31 41.80
N CYS B 525 -3.80 -8.19 41.08
CA CYS B 525 -4.87 -7.17 40.97
C CYS B 525 -6.21 -7.85 40.63
N ASP B 526 -7.27 -7.49 41.36
CA ASP B 526 -8.60 -8.10 41.11
C ASP B 526 -9.63 -7.00 40.81
N ILE B 527 -9.24 -5.73 40.96
CA ILE B 527 -10.16 -4.59 40.67
C ILE B 527 -11.60 -5.08 40.75
N SER B 528 -12.03 -5.61 41.91
CA SER B 528 -13.39 -6.19 41.97
C SER B 528 -14.36 -5.23 42.67
N ASN B 529 -13.86 -4.10 43.19
CA ASN B 529 -14.77 -3.09 43.80
C ASN B 529 -14.19 -1.68 43.62
N SER B 530 -13.48 -1.43 42.53
CA SER B 530 -12.93 -0.07 42.26
C SER B 530 -13.83 0.67 41.30
N THR B 531 -14.79 1.43 41.81
CA THR B 531 -15.65 2.26 40.93
C THR B 531 -14.73 3.20 40.13
N GLU B 532 -13.58 3.56 40.70
CA GLU B 532 -12.60 4.41 39.97
C GLU B 532 -12.04 3.62 38.79
N ALA B 533 -12.45 2.36 38.67
CA ALA B 533 -12.05 1.56 37.49
C ALA B 533 -13.24 1.45 36.55
N GLY B 534 -14.37 0.96 37.07
CA GLY B 534 -15.59 0.86 36.25
C GLY B 534 -15.74 2.11 35.42
N GLN B 535 -15.62 3.27 36.06
CA GLN B 535 -15.75 4.55 35.34
C GLN B 535 -14.83 4.54 34.13
N LYS B 536 -13.53 4.53 34.35
CA LYS B 536 -12.57 4.60 33.23
C LYS B 536 -12.98 3.61 32.15
N LEU B 537 -13.29 2.37 32.53
CA LEU B 537 -13.59 1.34 31.49
C LEU B 537 -14.80 1.80 30.68
N PHE B 538 -15.89 2.17 31.36
CA PHE B 538 -17.12 2.55 30.62
C PHE B 538 -16.75 3.65 29.62
N ASN B 539 -15.91 4.59 30.06
CA ASN B 539 -15.54 5.71 29.18
C ASN B 539 -15.29 5.15 27.77
N MET B 540 -14.51 4.07 27.67
CA MET B 540 -14.16 3.52 26.33
C MET B 540 -15.32 2.66 25.81
N LEU B 541 -16.07 2.02 26.70
CA LEU B 541 -17.16 1.10 26.27
C LEU B 541 -18.27 1.88 25.58
N ARG B 542 -18.63 3.04 26.13
CA ARG B 542 -19.74 3.85 25.57
C ARG B 542 -19.37 4.32 24.15
N LEU B 543 -18.15 4.81 23.98
CA LEU B 543 -17.75 5.40 22.67
C LEU B 543 -18.06 4.40 21.55
N GLY B 544 -17.74 3.13 21.75
CA GLY B 544 -17.95 2.12 20.70
C GLY B 544 -16.98 2.33 19.55
N LYS B 545 -17.48 2.38 18.32
CA LYS B 545 -16.63 2.53 17.14
C LYS B 545 -16.62 3.99 16.67
N SER B 546 -17.22 4.88 17.46
CA SER B 546 -17.54 6.24 17.05
C SER B 546 -16.29 7.12 17.04
N GLU B 547 -15.39 6.87 18.00
CA GLU B 547 -14.16 7.72 18.11
C GLU B 547 -12.94 6.91 17.69
N PRO B 548 -11.80 7.54 17.37
CA PRO B 548 -10.61 6.83 16.94
C PRO B 548 -10.12 5.87 18.03
N TRP B 549 -9.79 4.64 17.64
CA TRP B 549 -9.31 3.64 18.64
C TRP B 549 -8.13 4.24 19.40
N THR B 550 -7.37 5.11 18.74
CA THR B 550 -6.17 5.71 19.37
C THR B 550 -6.61 6.63 20.51
N LEU B 551 -7.86 7.08 20.45
CA LEU B 551 -8.39 7.94 21.54
C LEU B 551 -8.92 7.08 22.67
N ALA B 552 -9.70 6.05 22.34
CA ALA B 552 -10.34 5.21 23.39
C ALA B 552 -9.27 4.60 24.29
N LEU B 553 -8.16 4.15 23.69
CA LEU B 553 -7.04 3.59 24.49
C LEU B 553 -6.60 4.66 25.50
N GLU B 554 -6.51 5.91 25.06
CA GLU B 554 -6.15 7.01 25.99
C GLU B 554 -7.24 7.12 27.05
N ASN B 555 -8.50 6.98 26.62
CA ASN B 555 -9.64 7.09 27.56
C ASN B 555 -9.49 6.04 28.66
N VAL B 556 -8.47 5.18 28.56
CA VAL B 556 -8.23 4.19 29.65
C VAL B 556 -6.76 4.21 30.06
N VAL B 557 -5.83 4.10 29.11
CA VAL B 557 -4.39 3.96 29.48
C VAL B 557 -3.64 5.29 29.44
N GLY B 558 -4.22 6.34 28.84
CA GLY B 558 -3.48 7.61 28.69
C GLY B 558 -2.46 7.49 27.59
N ALA B 559 -2.84 6.87 26.48
CA ALA B 559 -1.92 6.61 25.37
C ALA B 559 -2.72 6.57 24.07
N LYS B 560 -2.00 6.77 22.96
CA LYS B 560 -2.58 6.74 21.63
C LYS B 560 -2.24 5.42 20.95
N ASN B 561 -1.06 4.86 21.24
CA ASN B 561 -0.63 3.60 20.66
C ASN B 561 -0.58 2.54 21.77
N MET B 562 -0.44 1.28 21.34
CA MET B 562 -0.33 0.16 22.25
C MET B 562 1.10 0.11 22.79
N ASN B 563 1.23 -0.36 24.04
CA ASN B 563 2.49 -0.43 24.75
C ASN B 563 2.66 -1.85 25.30
N VAL B 564 3.89 -2.34 25.19
CA VAL B 564 4.24 -3.71 25.54
C VAL B 564 4.61 -3.80 27.02
N ARG B 565 5.07 -2.69 27.62
CA ARG B 565 5.69 -2.75 28.94
C ARG B 565 4.68 -3.18 30.00
N PRO B 566 3.39 -2.82 29.92
CA PRO B 566 2.37 -3.44 30.77
C PRO B 566 2.36 -4.96 30.72
N LEU B 567 2.43 -5.53 29.51
CA LEU B 567 2.57 -6.97 29.37
C LEU B 567 3.83 -7.45 30.10
N LEU B 568 4.98 -6.85 29.79
CA LEU B 568 6.28 -7.25 30.33
C LEU B 568 6.35 -7.10 31.86
N ASN B 569 5.66 -6.10 32.40
CA ASN B 569 5.63 -5.89 33.84
C ASN B 569 4.90 -7.02 34.54
N TYR B 570 3.70 -7.33 34.06
CA TYR B 570 2.88 -8.40 34.60
C TYR B 570 3.71 -9.69 34.79
N PHE B 571 4.69 -9.94 33.89
CA PHE B 571 5.49 -11.16 33.87
C PHE B 571 6.95 -10.91 34.28
N GLU B 572 7.20 -9.85 35.08
CA GLU B 572 8.54 -9.49 35.54
C GLU B 572 9.06 -10.52 36.55
N PRO B 573 8.26 -10.92 37.58
CA PRO B 573 8.62 -12.04 38.45
C PRO B 573 9.09 -13.31 37.72
N LEU B 574 8.29 -13.80 36.76
CA LEU B 574 8.66 -14.98 35.99
C LEU B 574 9.89 -14.70 35.13
N PHE B 575 9.98 -13.52 34.49
CA PHE B 575 11.11 -13.22 33.61
C PHE B 575 12.41 -13.42 34.40
N THR B 576 12.43 -12.82 35.61
CA THR B 576 13.59 -12.87 36.48
C THR B 576 13.85 -14.31 36.93
N TRP B 577 12.79 -15.04 37.36
CA TRP B 577 12.91 -16.44 37.74
C TRP B 577 13.46 -17.30 36.60
N LEU B 578 13.05 -16.99 35.36
CA LEU B 578 13.39 -17.72 34.15
C LEU B 578 14.88 -17.65 33.84
N LYS B 579 15.49 -16.46 33.98
CA LYS B 579 16.90 -16.24 33.65
C LYS B 579 17.80 -16.96 34.65
N ASP B 580 17.44 -16.86 35.95
CA ASP B 580 18.07 -17.63 37.00
C ASP B 580 18.09 -19.09 36.58
N GLN B 581 16.89 -19.69 36.45
CA GLN B 581 16.72 -21.07 36.01
C GLN B 581 17.54 -21.41 34.75
N ASN B 582 17.77 -20.41 33.88
CA ASN B 582 18.38 -20.64 32.57
C ASN B 582 19.89 -20.38 32.61
N LYS B 583 20.44 -19.85 33.72
CA LYS B 583 21.78 -19.29 33.73
C LYS B 583 22.83 -20.35 33.43
N ASN B 584 22.53 -21.62 33.76
CA ASN B 584 23.41 -22.75 33.49
C ASN B 584 22.91 -23.54 32.29
N SER B 585 22.90 -22.91 31.10
CA SER B 585 22.35 -23.51 29.91
C SER B 585 22.60 -22.62 28.68
N PHE B 586 22.18 -23.11 27.51
CA PHE B 586 22.03 -22.30 26.31
C PHE B 586 20.60 -21.75 26.27
N VAL B 587 20.47 -20.51 25.79
CA VAL B 587 19.16 -19.91 25.55
C VAL B 587 19.19 -19.37 24.11
N GLY B 588 18.03 -19.40 23.43
CA GLY B 588 17.95 -19.15 21.99
C GLY B 588 17.96 -20.48 21.24
N TRP B 589 18.20 -20.44 19.92
CA TRP B 589 18.04 -21.63 19.10
C TRP B 589 18.79 -21.51 17.76
N SER B 590 19.39 -22.61 17.34
CA SER B 590 20.07 -22.71 16.06
C SER B 590 19.06 -23.22 15.01
N THR B 591 18.68 -22.34 14.09
CA THR B 591 17.58 -22.53 13.15
C THR B 591 17.94 -23.59 12.11
N ASP B 592 19.22 -23.93 12.01
CA ASP B 592 19.66 -24.97 11.08
C ASP B 592 19.35 -26.37 11.63
N TRP B 593 19.04 -26.51 12.94
CA TRP B 593 18.82 -27.83 13.50
C TRP B 593 17.41 -28.34 13.20
N SER B 594 17.29 -29.66 12.96
CA SER B 594 16.03 -30.32 12.71
C SER B 594 16.09 -31.80 13.10
N PRO B 595 14.96 -32.39 13.57
CA PRO B 595 14.93 -33.79 14.03
C PRO B 595 15.10 -34.86 12.93
N TYR B 596 14.88 -34.47 11.67
CA TYR B 596 15.00 -35.41 10.56
C TYR B 596 16.42 -35.37 9.98
N ALA B 597 17.37 -34.82 10.77
CA ALA B 597 18.79 -35.04 10.55
C ALA B 597 19.16 -36.48 10.92
N ALA C 1 -15.33 -4.42 9.04
CA ALA C 1 -16.21 -4.96 10.10
C ALA C 1 -17.54 -5.39 9.47
N CYS C 2 -17.75 -5.03 8.20
CA CYS C 2 -18.99 -5.41 7.50
C CYS C 2 -20.20 -4.76 8.17
N VAL C 3 -20.00 -3.74 9.02
CA VAL C 3 -21.09 -2.92 9.66
C VAL C 3 -21.41 -3.40 11.09
N ARG C 4 -21.87 -4.63 11.25
CA ARG C 4 -22.27 -5.05 12.62
C ARG C 4 -22.44 -6.57 12.67
N SER C 5 -21.91 -7.20 13.70
CA SER C 5 -22.10 -8.62 13.86
C SER C 5 -22.81 -8.88 15.18
N HIS C 6 -23.47 -10.03 15.24
CA HIS C 6 -24.22 -10.44 16.43
C HIS C 6 -23.24 -10.89 17.51
N CYS C 7 -22.48 -11.96 17.24
CA CYS C 7 -21.78 -12.70 18.29
C CYS C 7 -20.30 -12.31 18.41
N SER C 8 -19.67 -12.77 19.51
CA SER C 8 -18.29 -12.44 19.88
C SER C 8 -17.27 -13.45 19.34
N SER C 9 -17.73 -14.58 18.77
CA SER C 9 -16.82 -15.57 18.20
C SER C 9 -16.83 -15.43 16.68
N LEU C 10 -15.93 -16.16 16.00
CA LEU C 10 -15.82 -16.12 14.55
C LEU C 10 -16.25 -17.50 14.03
N LEU C 11 -17.49 -17.57 13.53
CA LEU C 11 -18.12 -18.86 13.25
C LEU C 11 -17.51 -19.45 11.99
N PRO C 12 -17.42 -20.80 11.84
CA PRO C 12 -17.00 -21.39 10.57
C PRO C 12 -17.78 -20.73 9.44
N ARG C 13 -17.19 -20.72 8.23
CA ARG C 13 -17.73 -19.95 7.12
C ARG C 13 -19.01 -20.61 6.57
N ILE C 14 -19.18 -21.92 6.82
CA ILE C 14 -20.33 -22.69 6.36
C ILE C 14 -21.54 -22.48 7.28
N HIS C 15 -21.31 -22.32 8.59
CA HIS C 15 -22.38 -22.02 9.54
C HIS C 15 -22.71 -20.52 9.47
N CYS C 16 -22.80 -19.99 8.23
CA CYS C 16 -23.20 -18.62 7.95
C CYS C 16 -24.20 -18.61 6.79
N ALA C 17 -25.08 -17.60 6.77
CA ALA C 17 -26.16 -17.51 5.80
C ALA C 17 -25.61 -17.53 4.35
N NH2 C 18 -26.20 -18.16 3.47
N ALA D 1 -6.52 11.47 -11.43
CA ALA D 1 -5.78 12.74 -11.61
C ALA D 1 -6.22 13.42 -12.91
N CYS D 2 -6.54 12.60 -13.93
CA CYS D 2 -6.79 13.15 -15.29
C CYS D 2 -8.17 12.79 -15.85
N VAL D 3 -8.22 12.17 -17.03
CA VAL D 3 -9.49 11.80 -17.74
C VAL D 3 -9.25 12.08 -19.23
N ARG D 4 -8.72 13.27 -19.54
CA ARG D 4 -8.43 13.66 -20.95
C ARG D 4 -7.46 14.85 -20.92
N SER D 5 -6.28 14.69 -21.52
CA SER D 5 -5.24 15.76 -21.53
C SER D 5 -5.27 16.48 -22.87
N HIS D 6 -5.13 17.80 -22.86
CA HIS D 6 -5.26 18.53 -24.14
C HIS D 6 -3.92 19.04 -24.68
N CYS D 7 -2.78 18.70 -24.06
CA CYS D 7 -1.54 19.29 -24.65
C CYS D 7 -0.18 18.70 -24.25
N SER D 8 0.02 17.39 -24.19
CA SER D 8 1.38 16.79 -24.04
C SER D 8 2.31 17.36 -22.97
N SER D 9 2.16 18.62 -22.56
CA SER D 9 3.16 19.23 -21.63
C SER D 9 2.72 19.23 -20.17
N LEU D 10 3.65 19.55 -19.27
CA LEU D 10 3.32 19.70 -17.83
C LEU D 10 3.35 21.21 -17.57
N LEU D 11 2.21 21.87 -17.65
CA LEU D 11 2.14 23.31 -17.57
C LEU D 11 2.16 23.72 -16.11
N PRO D 12 2.64 24.95 -15.77
CA PRO D 12 2.66 25.41 -14.38
C PRO D 12 1.25 25.56 -13.82
N ARG D 13 1.08 25.15 -12.56
CA ARG D 13 -0.20 25.07 -11.88
C ARG D 13 -0.97 26.39 -11.88
N ILE D 14 -0.25 27.52 -11.82
CA ILE D 14 -0.84 28.87 -11.79
C ILE D 14 -1.71 29.09 -13.03
N HIS D 15 -1.14 28.96 -14.22
CA HIS D 15 -1.93 29.16 -15.42
C HIS D 15 -1.88 27.89 -16.26
N CYS D 16 -2.73 26.93 -15.84
CA CYS D 16 -3.22 25.86 -16.70
C CYS D 16 -4.62 25.41 -16.27
N ALA D 17 -5.18 26.01 -15.20
CA ALA D 17 -6.41 25.52 -14.60
C ALA D 17 -7.60 25.91 -15.48
N NH2 D 18 -7.61 25.43 -16.63
ZN ZN E . 7.09 15.31 -25.37
ZN ZN F . -14.38 -13.47 23.52
NA NA G . 3.46 -33.44 25.27
C10 LFI H . -21.00 -16.36 9.70
C11 LFI H . -19.94 -8.17 10.12
C12 LFI H . -21.34 -13.99 14.82
C1 LFI H . -17.81 -13.77 11.50
C2 LFI H . -18.46 -11.53 12.15
C3 LFI H . -18.61 -12.27 9.74
C4 LFI H . -19.08 -14.75 9.56
C5 LFI H . -20.18 -10.61 10.63
C6 LFI H . -19.23 -13.59 13.47
C7 LFI H . -20.50 -12.97 14.05
C8 LFI H . -19.78 -15.80 10.41
C9 LFI H . -20.15 -9.57 9.54
N1 LFI H . -18.52 -13.68 10.19
N2 LFI H . -18.56 -12.96 12.48
N3 LFI H . -19.09 -11.38 10.82
O1 LFI H . -18.80 -14.65 13.90
O2 LFI H . -19.08 -14.87 8.32
O3 LFI H . -21.20 -10.75 11.31
C10 LFI I . -6.23 15.11 -17.35
C11 LFI I . -1.19 20.22 -21.03
C12 LFI I . -3.15 22.29 -14.48
C1 LFI I . -3.97 19.19 -17.17
C2 LFI I . -1.69 18.77 -16.39
C3 LFI I . -2.66 17.34 -18.11
C4 LFI I . -5.15 17.23 -18.04
C5 LFI I . -1.14 19.16 -18.76
C6 LFI I . -3.37 19.81 -14.89
C7 LFI I . -2.52 20.92 -14.35
C8 LFI I . -5.84 16.50 -16.93
C9 LFI I . -1.74 19.13 -20.14
N1 LFI I . -3.98 17.85 -17.78
N2 LFI I . -3.02 19.27 -16.06
N3 LFI I . -1.76 18.44 -17.80
O1 LFI I . -4.38 19.45 -14.29
O2 LFI I . -5.65 17.28 -19.15
O3 LFI I . -0.19 19.89 -18.49
#